data_6JQF
#
_entry.id   6JQF
#
_cell.length_a   108.819
_cell.length_b   114.548
_cell.length_c   128.073
_cell.angle_alpha   90.000
_cell.angle_beta   90.000
_cell.angle_gamma   90.000
#
_symmetry.space_group_name_H-M   'I 2 2 2'
#
loop_
_entity.id
_entity.type
_entity.pdbx_description
1 polymer 'Glycoside hydrolase, family 20, catalytic core'
2 non-polymer 'MAGNESIUM ION'
3 non-polymer 2-acetamido-2-deoxy-beta-D-glucopyranose
4 non-polymer 'CHLORIDE ION'
5 water water
#
_entity_poly.entity_id   1
_entity_poly.type   'polypeptide(L)'
_entity_poly.pdbx_seq_one_letter_code
;KQIADSLSIPPVKAGAKQLP(MSE)PSVSGAQIKLLGADYEQLVNSKGKIAPVISDTPVNVSFKVTKDGKEAVSKDYEI
(MSE)LQAPQAAQGNPKPRIIPEILQWKGGQGEYKLGNTVTIACPDKELGKLFAAD(MSE)EDVLGKKVKLVAPGAKADI
SLSLLKGGNLGREGYRLQIARDGVRLGAAAPTGLFWGTRTLLQ(MSE)LRQTPGSVPCGTAVDFPRYQLRGF(MSE)LDV
ARTPYPLSYLKDVIRT(MSE)AWYK(MSE)NDLHLVINNNYIFHEHYVDNGHDPFKESYAAFRLESK(MSE)KGKDGTPL
TARDLFYTKKEFADLVSYARKYGVNIVPEFDTPGHALSFTRLRPDLIYKGP(MSE)NHEKRRCE(MSE)LDAANPETIDL
VSKVFDEY(MSE)LKDPKLGRPVFADCGVVHVGADEFYGDKEDYRHFANAVLTHALKRGYTPRIWGSLSAKPGKTPVVSK
GVQ(MSE)NLWSTGW(MSE)KAWEAVNQGYDVINTNDGALYIVPFAGYYR(MSE)DRNHKGLYNNWIPNRIGNETLPSGH
PQLLGGTFAVWNDETDI(MSE)HTGYAPYDIWGIISGS(MSE)DVLSQKLWGTAKAPDTFEQHRELVSSIGNAPRTNPLH
KWKDSQPLTVKPSSLPQKLDKPALGPNYRLT(MSE)ELELTAAPEGKEQVLLAAPEGELLAV(MSE)KDGTVGFRRDDSL
EFSFGAKLPVGKKVKVEIVGEPEKTSLLLDGEPAGTAVLKNFSDKSKDFSDKFKHRPKVHRSTFILPLKELGSSFQGKVF
H(MSE)NVQPL
;
_entity_poly.pdbx_strand_id   A
#
loop_
_chem_comp.id
_chem_comp.type
_chem_comp.name
_chem_comp.formula
CL non-polymer 'CHLORIDE ION' 'Cl -1'
MG non-polymer 'MAGNESIUM ION' 'Mg 2'
NAG D-saccharide, beta linking 2-acetamido-2-deoxy-beta-D-glucopyranose 'C8 H15 N O6'
#
# COMPACT_ATOMS: atom_id res chain seq x y z
N LYS A 1 4.83 28.27 29.68
CA LYS A 1 5.56 27.72 28.55
C LYS A 1 6.98 27.37 28.95
N GLN A 2 7.63 28.27 29.70
CA GLN A 2 8.97 27.98 30.21
C GLN A 2 8.95 26.75 31.12
N ILE A 3 7.84 26.53 31.82
CA ILE A 3 7.73 25.40 32.74
C ILE A 3 7.80 24.08 31.98
N ALA A 4 6.90 23.90 31.01
CA ALA A 4 6.92 22.69 30.20
C ALA A 4 8.26 22.53 29.49
N ASP A 5 8.86 23.64 29.06
CA ASP A 5 10.15 23.60 28.38
C ASP A 5 11.21 22.94 29.25
N SER A 6 11.18 23.22 30.55
CA SER A 6 12.20 22.74 31.48
C SER A 6 11.63 21.85 32.57
N LEU A 7 10.57 21.10 32.26
CA LEU A 7 10.03 20.14 33.21
C LEU A 7 11.05 19.06 33.51
N SER A 8 10.89 18.44 34.69
CA SER A 8 11.78 17.38 35.13
C SER A 8 10.94 16.20 35.61
N ILE A 9 11.03 15.09 34.90
CA ILE A 9 10.25 13.89 35.20
C ILE A 9 11.16 12.89 35.89
N PRO A 10 10.90 12.54 37.15
CA PRO A 10 11.78 11.65 37.89
C PRO A 10 11.54 10.20 37.52
N PRO A 11 12.36 9.27 38.01
CA PRO A 11 12.11 7.86 37.72
C PRO A 11 10.81 7.35 38.37
N VAL A 12 10.22 6.37 37.72
CA VAL A 12 8.98 5.75 38.20
C VAL A 12 9.34 4.56 39.08
N LYS A 13 8.73 4.50 40.27
CA LYS A 13 8.89 3.35 41.14
C LYS A 13 8.50 2.07 40.41
N ALA A 14 9.26 1.00 40.67
CA ALA A 14 8.98 -0.28 40.02
C ALA A 14 7.60 -0.79 40.42
N GLY A 15 6.74 -1.00 39.43
CA GLY A 15 5.39 -1.48 39.68
C GLY A 15 4.36 -0.43 40.03
N ALA A 16 4.72 0.85 39.99
CA ALA A 16 3.77 1.90 40.34
C ALA A 16 2.52 1.82 39.46
N LYS A 17 1.37 2.10 40.06
CA LYS A 17 0.09 2.01 39.36
C LYS A 17 -0.44 3.37 38.90
N GLN A 18 0.25 4.45 39.25
CA GLN A 18 -0.19 5.79 38.90
C GLN A 18 1.04 6.64 38.60
N LEU A 19 0.99 7.37 37.50
CA LEU A 19 2.10 8.26 37.18
C LEU A 19 2.08 9.47 38.10
N PRO A 20 3.17 9.77 38.80
CA PRO A 20 3.23 11.00 39.60
C PRO A 20 3.24 12.22 38.69
N MSE A 21 2.27 13.11 38.89
CA MSE A 21 2.23 14.35 38.13
C MSE A 21 3.31 15.30 38.62
O MSE A 21 3.45 15.51 39.82
CB MSE A 21 0.86 15.01 38.23
CG MSE A 21 -0.26 14.26 37.52
SE MSE A 21 -0.02 14.17 35.57
CE MSE A 21 0.70 15.96 35.27
N PRO A 22 4.07 15.89 37.70
CA PRO A 22 4.98 16.98 38.08
C PRO A 22 4.20 18.14 38.67
N SER A 23 4.85 18.85 39.60
CA SER A 23 4.21 19.93 40.34
C SER A 23 5.03 21.22 40.19
N VAL A 24 4.36 22.27 39.73
CA VAL A 24 4.91 23.62 39.72
C VAL A 24 3.79 24.56 40.17
N SER A 25 4.10 25.42 41.15
CA SER A 25 3.03 26.20 41.80
C SER A 25 2.40 27.21 40.86
N GLY A 26 3.17 27.74 39.90
CA GLY A 26 2.66 28.81 39.07
C GLY A 26 1.58 28.40 38.09
N ALA A 27 1.58 27.14 37.65
CA ALA A 27 0.74 26.71 36.54
C ALA A 27 0.08 25.38 36.85
N GLN A 28 -0.75 24.93 35.92
CA GLN A 28 -1.41 23.63 35.97
C GLN A 28 -0.74 22.70 34.96
N ILE A 29 -0.47 21.46 35.38
CA ILE A 29 0.20 20.48 34.55
C ILE A 29 -0.67 19.24 34.48
N LYS A 30 -0.96 18.78 33.26
CA LYS A 30 -1.68 17.53 33.08
C LYS A 30 -1.01 16.74 31.96
N LEU A 31 -1.38 15.47 31.86
CA LEU A 31 -0.80 14.59 30.86
C LEU A 31 -1.31 14.99 29.48
N LEU A 32 -0.39 15.33 28.57
CA LEU A 32 -0.77 15.41 27.16
C LEU A 32 -1.04 14.02 26.60
N GLY A 33 -0.12 13.10 26.85
CA GLY A 33 -0.36 11.72 26.44
C GLY A 33 0.89 10.87 26.53
N ALA A 34 0.67 9.57 26.38
CA ALA A 34 1.73 8.57 26.33
C ALA A 34 1.71 7.91 24.96
N ASP A 35 2.90 7.57 24.43
CA ASP A 35 2.92 6.93 23.13
C ASP A 35 2.17 5.60 23.16
N TYR A 36 2.28 4.86 24.26
CA TYR A 36 1.42 3.69 24.51
C TYR A 36 0.30 4.13 25.44
N GLU A 37 -0.80 4.64 24.85
CA GLU A 37 -1.99 4.94 25.64
C GLU A 37 -2.47 3.71 26.39
N GLN A 38 -2.17 2.52 25.87
CA GLN A 38 -2.58 1.29 26.52
C GLN A 38 -1.90 1.11 27.86
N LEU A 39 -0.70 1.68 28.03
CA LEU A 39 0.08 1.49 29.25
C LEU A 39 -0.08 2.63 30.24
N VAL A 40 -0.28 3.86 29.78
CA VAL A 40 -0.54 5.00 30.63
C VAL A 40 -1.70 5.76 29.98
N ASN A 41 -2.86 5.77 30.64
CA ASN A 41 -4.02 6.43 30.07
C ASN A 41 -3.94 7.93 30.32
N SER A 42 -4.96 8.67 29.86
CA SER A 42 -4.93 10.12 29.92
C SER A 42 -4.93 10.62 31.36
N LYS A 43 -5.43 9.82 32.30
CA LYS A 43 -5.46 10.20 33.71
C LYS A 43 -4.20 9.83 34.47
N GLY A 44 -3.27 9.11 33.84
CA GLY A 44 -2.03 8.74 34.47
C GLY A 44 -2.01 7.35 35.08
N LYS A 45 -3.08 6.57 34.93
CA LYS A 45 -3.10 5.21 35.44
C LYS A 45 -2.19 4.32 34.61
N ILE A 46 -1.33 3.56 35.28
CA ILE A 46 -0.30 2.74 34.63
C ILE A 46 -0.74 1.28 34.67
N ALA A 47 -0.83 0.66 33.50
CA ALA A 47 -1.18 -0.75 33.42
C ALA A 47 0.04 -1.63 33.71
N PRO A 48 -0.16 -2.81 34.30
CA PRO A 48 0.98 -3.71 34.52
C PRO A 48 1.56 -4.22 33.22
N VAL A 49 2.85 -4.54 33.25
CA VAL A 49 3.55 -5.14 32.13
C VAL A 49 4.18 -6.45 32.58
N ILE A 50 4.31 -7.39 31.64
CA ILE A 50 4.94 -8.68 31.93
C ILE A 50 6.41 -8.71 31.55
N SER A 51 6.91 -7.65 30.91
CA SER A 51 8.34 -7.44 30.74
C SER A 51 8.58 -5.95 30.68
N ASP A 52 9.80 -5.54 31.05
CA ASP A 52 10.13 -4.12 31.09
C ASP A 52 9.88 -3.46 29.75
N THR A 53 9.17 -2.33 29.77
CA THR A 53 8.71 -1.67 28.54
C THR A 53 8.88 -0.16 28.65
N PRO A 54 9.50 0.48 27.67
CA PRO A 54 9.64 1.94 27.69
C PRO A 54 8.35 2.62 27.25
N VAL A 55 8.06 3.76 27.88
CA VAL A 55 6.89 4.57 27.55
C VAL A 55 7.31 6.03 27.52
N ASN A 56 6.95 6.73 26.46
CA ASN A 56 7.21 8.17 26.39
C ASN A 56 5.96 8.92 26.81
N VAL A 57 6.11 9.82 27.78
CA VAL A 57 5.00 10.63 28.27
C VAL A 57 5.29 12.09 27.99
N SER A 58 4.23 12.88 27.84
CA SER A 58 4.36 14.31 27.61
C SER A 58 3.17 15.01 28.24
N PHE A 59 3.38 16.31 28.52
CA PHE A 59 2.51 17.07 29.40
C PHE A 59 2.08 18.38 28.76
N LYS A 60 0.85 18.78 29.06
CA LYS A 60 0.34 20.10 28.73
C LYS A 60 0.40 20.97 29.98
N VAL A 61 0.97 22.17 29.84
CA VAL A 61 1.11 23.12 30.94
C VAL A 61 0.26 24.34 30.62
N THR A 62 -0.53 24.77 31.60
CA THR A 62 -1.39 25.94 31.47
C THR A 62 -0.99 26.96 32.54
N LYS A 63 -0.26 27.99 32.13
CA LYS A 63 0.11 29.10 33.00
C LYS A 63 -0.68 30.33 32.56
N ASP A 64 -1.29 31.02 33.54
CA ASP A 64 -2.23 32.10 33.26
C ASP A 64 -3.36 31.59 32.38
N GLY A 65 -3.37 32.03 31.12
CA GLY A 65 -4.32 31.53 30.14
C GLY A 65 -3.62 30.96 28.93
N LYS A 66 -2.31 30.74 29.04
CA LYS A 66 -1.49 30.23 27.94
C LYS A 66 -1.27 28.73 28.12
N GLU A 67 -1.29 28.00 27.00
CA GLU A 67 -1.02 26.57 26.98
C GLU A 67 0.32 26.29 26.31
N ALA A 68 0.95 25.20 26.72
CA ALA A 68 2.19 24.75 26.10
C ALA A 68 2.38 23.27 26.42
N VAL A 69 3.00 22.55 25.49
CA VAL A 69 3.21 21.11 25.62
C VAL A 69 4.71 20.85 25.73
N SER A 70 5.07 19.86 26.55
CA SER A 70 6.45 19.52 26.78
C SER A 70 6.98 18.60 25.69
N LYS A 71 8.27 18.29 25.78
CA LYS A 71 8.89 17.25 24.99
C LYS A 71 8.53 15.88 25.55
N ASP A 72 9.02 14.82 24.90
CA ASP A 72 8.86 13.46 25.41
C ASP A 72 9.81 13.20 26.57
N TYR A 73 9.31 12.51 27.58
CA TYR A 73 10.12 11.99 28.68
C TYR A 73 9.94 10.48 28.71
N GLU A 74 11.03 9.75 28.54
CA GLU A 74 10.96 8.30 28.57
C GLU A 74 10.98 7.81 30.00
N ILE A 75 10.03 6.94 30.34
CA ILE A 75 9.98 6.25 31.61
C ILE A 75 10.03 4.76 31.31
N MSE A 76 10.47 4.00 32.30
CA MSE A 76 10.58 2.56 32.14
C MSE A 76 9.63 1.84 33.07
O MSE A 76 9.78 1.89 34.29
CB MSE A 76 12.02 2.12 32.40
CG MSE A 76 12.25 0.62 32.21
SE MSE A 76 12.12 0.01 30.35
CE MSE A 76 13.45 1.20 29.55
N LEU A 77 8.63 1.18 32.50
CA LEU A 77 7.73 0.34 33.29
C LEU A 77 8.41 -1.00 33.53
N GLN A 78 8.41 -1.45 34.78
CA GLN A 78 9.13 -2.65 35.19
C GLN A 78 8.17 -3.77 35.52
N ALA A 79 8.42 -4.95 34.97
CA ALA A 79 7.68 -6.14 35.32
C ALA A 79 8.17 -6.70 36.65
N PRO A 80 7.32 -7.44 37.36
CA PRO A 80 7.81 -8.17 38.54
C PRO A 80 8.86 -9.19 38.16
N GLN A 81 9.63 -9.62 39.16
CA GLN A 81 10.69 -10.58 38.92
C GLN A 81 10.10 -11.93 38.53
N ALA A 82 10.86 -12.69 37.75
CA ALA A 82 10.41 -13.99 37.25
C ALA A 82 11.63 -14.83 36.89
N ALA A 83 11.37 -16.06 36.45
CA ALA A 83 12.40 -16.98 36.00
C ALA A 83 12.75 -16.82 34.53
N GLN A 84 12.14 -15.84 33.85
CA GLN A 84 12.47 -15.43 32.49
C GLN A 84 12.21 -16.52 31.45
N GLY A 85 12.81 -17.71 31.59
CA GLY A 85 12.46 -18.82 30.73
C GLY A 85 12.81 -18.61 29.26
N ASN A 86 11.94 -19.10 28.38
CA ASN A 86 12.20 -19.06 26.95
C ASN A 86 12.40 -17.63 26.47
N PRO A 87 13.32 -17.40 25.54
CA PRO A 87 13.48 -16.05 24.97
C PRO A 87 12.28 -15.66 24.13
N LYS A 88 12.18 -14.36 23.88
CA LYS A 88 11.03 -13.83 23.15
C LYS A 88 11.11 -14.25 21.69
N PRO A 89 10.04 -14.79 21.12
CA PRO A 89 10.04 -15.11 19.69
C PRO A 89 10.28 -13.84 18.87
N ARG A 90 10.98 -14.01 17.75
CA ARG A 90 11.33 -12.90 16.88
C ARG A 90 10.25 -12.77 15.80
N ILE A 91 9.58 -11.62 15.80
CA ILE A 91 8.40 -11.34 14.98
C ILE A 91 8.64 -10.00 14.27
N ILE A 92 8.01 -9.82 13.12
CA ILE A 92 7.98 -8.51 12.47
C ILE A 92 6.52 -8.08 12.30
N PRO A 93 6.07 -7.03 13.01
CA PRO A 93 6.84 -6.24 13.98
C PRO A 93 7.09 -6.96 15.32
N GLU A 94 8.06 -6.46 16.08
CA GLU A 94 8.43 -7.07 17.36
C GLU A 94 7.24 -7.21 18.30
N ILE A 95 7.21 -8.32 19.02
CA ILE A 95 6.27 -8.48 20.13
C ILE A 95 6.68 -7.52 21.25
N LEU A 96 5.72 -6.74 21.75
CA LEU A 96 6.06 -5.70 22.71
C LEU A 96 6.51 -6.31 24.04
N GLN A 97 5.70 -7.20 24.62
CA GLN A 97 5.96 -7.76 25.94
C GLN A 97 5.98 -9.28 25.86
N TRP A 98 6.88 -9.89 26.64
CA TRP A 98 7.00 -11.34 26.65
C TRP A 98 7.51 -11.79 28.01
N LYS A 99 6.85 -12.80 28.57
CA LYS A 99 7.34 -13.52 29.75
C LYS A 99 7.49 -14.97 29.33
N GLY A 100 8.74 -15.45 29.26
CA GLY A 100 8.99 -16.78 28.77
C GLY A 100 8.56 -17.86 29.74
N GLY A 101 8.17 -19.00 29.19
CA GLY A 101 7.75 -20.14 29.95
C GLY A 101 8.76 -21.27 29.88
N GLN A 102 8.29 -22.48 30.18
CA GLN A 102 9.11 -23.67 30.19
C GLN A 102 8.64 -24.62 29.10
N GLY A 103 9.57 -25.11 28.29
CA GLY A 103 9.26 -26.15 27.34
C GLY A 103 8.61 -25.61 26.07
N GLU A 104 8.03 -26.53 25.32
CA GLU A 104 7.40 -26.23 24.04
C GLU A 104 5.99 -26.78 24.03
N TYR A 105 5.18 -26.25 23.11
CA TYR A 105 3.95 -26.91 22.70
C TYR A 105 4.17 -27.51 21.33
N LYS A 106 3.97 -28.83 21.24
CA LYS A 106 4.22 -29.58 20.01
C LYS A 106 2.93 -29.70 19.22
N LEU A 107 2.98 -29.34 17.94
CA LEU A 107 1.81 -29.44 17.08
C LEU A 107 1.62 -30.86 16.62
N GLY A 108 0.35 -31.30 16.59
CA GLY A 108 0.04 -32.64 16.14
C GLY A 108 0.06 -32.76 14.64
N ASN A 109 -0.19 -33.98 14.16
CA ASN A 109 -0.28 -34.20 12.72
C ASN A 109 -1.45 -33.45 12.11
N THR A 110 -2.51 -33.27 12.88
CA THR A 110 -3.62 -32.39 12.55
C THR A 110 -3.70 -31.32 13.63
N VAL A 111 -4.21 -30.14 13.27
CA VAL A 111 -4.31 -29.02 14.18
C VAL A 111 -5.77 -28.58 14.24
N THR A 112 -6.26 -28.32 15.45
CA THR A 112 -7.63 -27.85 15.63
C THR A 112 -7.61 -26.42 16.14
N ILE A 113 -8.61 -25.65 15.73
CA ILE A 113 -8.71 -24.23 16.04
C ILE A 113 -10.14 -23.94 16.50
N ALA A 114 -10.27 -23.31 17.66
CA ALA A 114 -11.55 -22.82 18.15
C ALA A 114 -11.61 -21.31 17.93
N CYS A 115 -12.61 -20.85 17.17
CA CYS A 115 -12.69 -19.43 16.87
C CYS A 115 -14.15 -18.97 16.87
N PRO A 116 -14.49 -17.94 17.65
CA PRO A 116 -15.88 -17.45 17.63
C PRO A 116 -16.25 -16.73 16.34
N ASP A 117 -15.28 -16.15 15.63
CA ASP A 117 -15.53 -15.51 14.35
C ASP A 117 -15.36 -16.54 13.24
N LYS A 118 -16.44 -16.83 12.52
CA LYS A 118 -16.38 -17.86 11.48
C LYS A 118 -15.47 -17.45 10.33
N GLU A 119 -15.57 -16.19 9.90
CA GLU A 119 -14.77 -15.70 8.79
C GLU A 119 -13.29 -15.69 9.15
N LEU A 120 -12.95 -15.13 10.31
CA LEU A 120 -11.58 -15.21 10.80
C LEU A 120 -11.13 -16.66 10.91
N GLY A 121 -12.00 -17.54 11.40
CA GLY A 121 -11.62 -18.94 11.53
C GLY A 121 -11.25 -19.57 10.20
N LYS A 122 -12.07 -19.35 9.18
CA LYS A 122 -11.79 -19.94 7.87
C LYS A 122 -10.49 -19.40 7.29
N LEU A 123 -10.28 -18.08 7.40
CA LEU A 123 -9.08 -17.46 6.87
C LEU A 123 -7.84 -17.99 7.59
N PHE A 124 -7.87 -17.99 8.92
CA PHE A 124 -6.77 -18.49 9.74
C PHE A 124 -6.46 -19.94 9.43
N ALA A 125 -7.50 -20.77 9.29
CA ALA A 125 -7.27 -22.19 9.00
C ALA A 125 -6.62 -22.39 7.64
N ALA A 126 -7.07 -21.64 6.63
CA ALA A 126 -6.45 -21.81 5.31
C ALA A 126 -5.00 -21.31 5.30
N ASP A 127 -4.74 -20.21 6.01
CA ASP A 127 -3.36 -19.74 6.16
C ASP A 127 -2.50 -20.79 6.86
N MSE A 128 -3.03 -21.42 7.90
CA MSE A 128 -2.31 -22.43 8.66
C MSE A 128 -2.01 -23.63 7.79
O MSE A 128 -0.89 -24.16 7.83
CB MSE A 128 -3.12 -22.85 9.88
CG MSE A 128 -3.14 -21.83 10.99
SE MSE A 128 -1.52 -21.91 12.06
CE MSE A 128 -1.93 -23.60 12.99
N GLU A 129 -2.99 -24.06 6.99
CA GLU A 129 -2.76 -25.18 6.09
C GLU A 129 -1.66 -24.86 5.09
N ASP A 130 -1.66 -23.63 4.56
CA ASP A 130 -0.61 -23.25 3.63
C ASP A 130 0.75 -23.22 4.30
N VAL A 131 0.83 -22.73 5.53
CA VAL A 131 2.11 -22.59 6.22
C VAL A 131 2.62 -23.93 6.71
N LEU A 132 1.73 -24.78 7.22
CA LEU A 132 2.17 -26.03 7.85
C LEU A 132 2.16 -27.25 6.93
N GLY A 133 1.43 -27.20 5.81
CA GLY A 133 1.27 -28.42 5.04
C GLY A 133 0.55 -29.52 5.79
N LYS A 134 -0.24 -29.16 6.80
CA LYS A 134 -1.02 -30.12 7.56
C LYS A 134 -2.49 -29.77 7.44
N LYS A 135 -3.34 -30.71 7.82
CA LYS A 135 -4.78 -30.47 7.84
C LYS A 135 -5.15 -29.73 9.11
N VAL A 136 -5.94 -28.68 8.94
CA VAL A 136 -6.41 -27.84 10.03
C VAL A 136 -7.92 -27.89 10.05
N LYS A 137 -8.51 -27.97 11.24
CA LYS A 137 -9.94 -28.11 11.37
C LYS A 137 -10.48 -27.13 12.40
N LEU A 138 -11.62 -26.53 12.09
CA LEU A 138 -12.32 -25.65 13.01
C LEU A 138 -13.30 -26.46 13.86
N VAL A 139 -13.19 -26.32 15.17
CA VAL A 139 -14.13 -26.94 16.10
C VAL A 139 -14.99 -25.84 16.71
N ALA A 140 -16.00 -26.25 17.48
CA ALA A 140 -16.93 -25.30 18.06
C ALA A 140 -16.23 -24.42 19.10
N PRO A 141 -16.63 -23.16 19.21
CA PRO A 141 -16.08 -22.30 20.27
C PRO A 141 -16.33 -22.91 21.64
N GLY A 142 -15.30 -22.87 22.49
CA GLY A 142 -15.36 -23.45 23.80
C GLY A 142 -15.02 -24.93 23.86
N ALA A 143 -14.90 -25.60 22.73
CA ALA A 143 -14.52 -27.00 22.72
C ALA A 143 -13.00 -27.16 22.78
N LYS A 144 -12.57 -28.34 23.22
CA LYS A 144 -11.15 -28.69 23.22
C LYS A 144 -10.52 -28.37 21.86
N ALA A 145 -9.39 -27.67 21.89
CA ALA A 145 -8.76 -27.24 20.66
C ALA A 145 -7.29 -26.94 20.92
N ASP A 146 -6.46 -27.21 19.90
CA ASP A 146 -5.04 -26.92 20.01
C ASP A 146 -4.78 -25.42 20.09
N ILE A 147 -5.53 -24.63 19.32
CA ILE A 147 -5.41 -23.18 19.31
C ILE A 147 -6.80 -22.62 19.56
N SER A 148 -6.95 -21.90 20.67
CA SER A 148 -8.24 -21.37 21.10
C SER A 148 -8.19 -19.85 21.06
N LEU A 149 -9.03 -19.25 20.23
CA LEU A 149 -9.16 -17.81 20.16
C LEU A 149 -10.39 -17.37 20.95
N SER A 150 -10.23 -16.34 21.77
CA SER A 150 -11.36 -15.81 22.53
C SER A 150 -11.26 -14.30 22.66
N LEU A 151 -12.43 -13.69 22.79
CA LEU A 151 -12.55 -12.27 23.09
C LEU A 151 -12.52 -12.07 24.60
N LEU A 152 -11.64 -11.19 25.05
CA LEU A 152 -11.49 -10.89 26.47
C LEU A 152 -12.29 -9.65 26.82
N LYS A 153 -12.80 -9.62 28.05
CA LYS A 153 -13.61 -8.51 28.52
C LYS A 153 -12.75 -7.54 29.32
N GLY A 154 -12.99 -6.25 29.14
CA GLY A 154 -12.18 -5.26 29.84
C GLY A 154 -10.77 -5.21 29.28
N GLY A 155 -9.82 -4.96 30.18
CA GLY A 155 -8.42 -4.96 29.80
C GLY A 155 -8.02 -3.73 29.00
N ASN A 156 -6.74 -3.66 28.68
CA ASN A 156 -6.14 -2.51 28.01
C ASN A 156 -5.74 -2.79 26.58
N LEU A 157 -6.11 -3.96 26.04
CA LEU A 157 -5.63 -4.35 24.72
C LEU A 157 -6.18 -3.45 23.60
N GLY A 158 -7.31 -2.79 23.82
CA GLY A 158 -7.87 -1.97 22.75
C GLY A 158 -8.31 -2.80 21.55
N ARG A 159 -8.51 -2.11 20.43
CA ARG A 159 -9.01 -2.76 19.24
C ARG A 159 -7.99 -3.69 18.60
N GLU A 160 -6.70 -3.36 18.70
CA GLU A 160 -5.67 -4.08 17.95
C GLU A 160 -4.74 -4.94 18.80
N GLY A 161 -4.88 -4.92 20.12
CA GLY A 161 -3.98 -5.68 20.97
C GLY A 161 -4.36 -7.14 21.09
N TYR A 162 -3.39 -7.94 21.50
CA TYR A 162 -3.67 -9.35 21.73
C TYR A 162 -2.75 -9.89 22.82
N ARG A 163 -3.19 -11.01 23.40
CA ARG A 163 -2.43 -11.77 24.38
C ARG A 163 -2.33 -13.20 23.86
N LEU A 164 -1.12 -13.68 23.69
CA LEU A 164 -0.86 -14.99 23.12
C LEU A 164 -0.12 -15.82 24.15
N GLN A 165 -0.76 -16.84 24.69
CA GLN A 165 -0.17 -17.68 25.73
C GLN A 165 -0.02 -19.10 25.22
N ILE A 166 1.21 -19.61 25.30
CA ILE A 166 1.54 -20.94 24.81
C ILE A 166 1.91 -21.78 26.02
N ALA A 167 1.22 -22.91 26.18
CA ALA A 167 1.47 -23.83 27.27
C ALA A 167 1.39 -25.25 26.74
N ARG A 168 1.76 -26.21 27.59
CA ARG A 168 1.82 -27.60 27.12
C ARG A 168 0.45 -28.11 26.70
N ASP A 169 -0.62 -27.55 27.26
CA ASP A 169 -1.96 -27.97 26.89
C ASP A 169 -2.56 -27.16 25.75
N GLY A 170 -1.76 -26.30 25.09
CA GLY A 170 -2.19 -25.68 23.86
C GLY A 170 -1.89 -24.19 23.83
N VAL A 171 -2.40 -23.55 22.79
CA VAL A 171 -2.21 -22.13 22.53
C VAL A 171 -3.52 -21.41 22.75
N ARG A 172 -3.47 -20.30 23.48
CA ARG A 172 -4.65 -19.47 23.71
C ARG A 172 -4.35 -18.06 23.24
N LEU A 173 -5.16 -17.57 22.33
CA LEU A 173 -5.03 -16.23 21.76
C LEU A 173 -6.27 -15.45 22.17
N GLY A 174 -6.09 -14.46 23.01
CA GLY A 174 -7.17 -13.62 23.48
C GLY A 174 -7.00 -12.21 22.95
N ALA A 175 -8.11 -11.54 22.73
CA ALA A 175 -8.07 -10.15 22.29
C ALA A 175 -9.35 -9.46 22.72
N ALA A 176 -9.25 -8.14 22.92
CA ALA A 176 -10.45 -7.38 23.20
C ALA A 176 -11.39 -7.31 22.00
N ALA A 177 -10.86 -7.52 20.79
CA ALA A 177 -11.62 -7.32 19.57
C ALA A 177 -11.09 -8.26 18.50
N PRO A 178 -11.90 -8.60 17.49
CA PRO A 178 -11.44 -9.48 16.40
C PRO A 178 -10.22 -8.98 15.65
N THR A 179 -10.00 -7.66 15.53
CA THR A 179 -8.81 -7.18 14.84
C THR A 179 -7.54 -7.62 15.56
N GLY A 180 -7.55 -7.52 16.90
CA GLY A 180 -6.43 -8.03 17.67
C GLY A 180 -6.24 -9.53 17.52
N LEU A 181 -7.35 -10.28 17.46
CA LEU A 181 -7.25 -11.71 17.16
C LEU A 181 -6.53 -11.94 15.85
N PHE A 182 -6.88 -11.17 14.82
CA PHE A 182 -6.22 -11.37 13.52
C PHE A 182 -4.73 -11.08 13.61
N TRP A 183 -4.35 -9.98 14.27
CA TRP A 183 -2.92 -9.70 14.43
C TRP A 183 -2.22 -10.83 15.17
N GLY A 184 -2.85 -11.37 16.20
CA GLY A 184 -2.29 -12.52 16.90
C GLY A 184 -2.07 -13.71 15.98
N THR A 185 -3.01 -13.96 15.06
CA THR A 185 -2.80 -15.05 14.11
C THR A 185 -1.59 -14.78 13.23
N ARG A 186 -1.41 -13.51 12.83
CA ARG A 186 -0.21 -13.15 12.08
C ARG A 186 1.05 -13.52 12.85
N THR A 187 1.06 -13.19 14.15
CA THR A 187 2.23 -13.49 14.97
C THR A 187 2.47 -15.00 15.04
N LEU A 188 1.41 -15.76 15.30
CA LEU A 188 1.57 -17.22 15.41
C LEU A 188 2.08 -17.80 14.09
N LEU A 189 1.57 -17.31 12.97
CA LEU A 189 2.00 -17.83 11.67
C LEU A 189 3.45 -17.48 11.38
N GLN A 190 3.89 -16.29 11.79
CA GLN A 190 5.30 -15.96 11.63
C GLN A 190 6.17 -16.85 12.50
N MSE A 191 5.69 -17.22 13.67
CA MSE A 191 6.43 -18.14 14.53
C MSE A 191 6.55 -19.51 13.87
O MSE A 191 7.63 -20.09 13.83
CB MSE A 191 5.75 -18.27 15.89
CG MSE A 191 5.89 -17.02 16.72
SE MSE A 191 4.92 -17.09 18.39
CE MSE A 191 5.77 -18.67 19.15
N LEU A 192 5.42 -20.01 13.36
CA LEU A 192 5.41 -21.34 12.77
C LEU A 192 6.22 -21.40 11.47
N ARG A 193 6.36 -20.28 10.77
CA ARG A 193 7.25 -20.24 9.63
C ARG A 193 8.70 -20.49 10.04
N GLN A 194 9.08 -20.11 11.26
CA GLN A 194 10.45 -20.32 11.71
C GLN A 194 10.63 -21.73 12.29
N THR A 195 9.68 -22.19 13.10
CA THR A 195 9.71 -23.56 13.65
C THR A 195 8.30 -24.12 13.58
N PRO A 196 7.99 -24.84 12.49
CA PRO A 196 6.61 -25.31 12.31
C PRO A 196 6.21 -26.43 13.26
N GLY A 197 7.16 -27.12 13.88
CA GLY A 197 6.83 -28.29 14.67
C GLY A 197 6.39 -28.01 16.09
N SER A 198 6.83 -26.89 16.65
CA SER A 198 6.52 -26.56 18.04
C SER A 198 6.74 -25.08 18.25
N VAL A 199 6.12 -24.56 19.31
CA VAL A 199 6.27 -23.14 19.64
C VAL A 199 6.64 -22.99 21.11
N PRO A 200 7.48 -22.01 21.46
CA PRO A 200 7.95 -21.89 22.85
C PRO A 200 6.82 -21.49 23.78
N CYS A 201 6.81 -22.12 24.97
CA CYS A 201 5.85 -21.73 25.99
C CYS A 201 6.18 -20.36 26.55
N GLY A 202 5.15 -19.64 26.95
CA GLY A 202 5.32 -18.28 27.42
C GLY A 202 4.12 -17.45 27.05
N THR A 203 4.17 -16.17 27.43
CA THR A 203 3.06 -15.26 27.24
C THR A 203 3.56 -14.01 26.55
N ALA A 204 2.95 -13.68 25.40
CA ALA A 204 3.16 -12.42 24.71
C ALA A 204 1.96 -11.51 24.94
N VAL A 205 2.23 -10.24 25.20
CA VAL A 205 1.22 -9.19 25.19
C VAL A 205 1.70 -8.13 24.22
N ASP A 206 0.85 -7.78 23.24
CA ASP A 206 1.31 -7.00 22.10
C ASP A 206 0.24 -6.03 21.63
N PHE A 207 0.64 -4.80 21.33
CA PHE A 207 -0.27 -3.82 20.75
C PHE A 207 0.53 -2.72 20.09
N PRO A 208 -0.06 -1.98 19.14
CA PRO A 208 0.70 -0.99 18.38
C PRO A 208 0.90 0.34 19.09
N ARG A 209 2.07 0.94 18.83
CA ARG A 209 2.32 2.30 19.33
C ARG A 209 1.52 3.34 18.56
N TYR A 210 1.24 3.10 17.28
CA TYR A 210 0.47 4.02 16.46
C TYR A 210 -0.67 3.29 15.76
N GLN A 211 -1.83 3.94 15.71
CA GLN A 211 -3.02 3.30 15.17
C GLN A 211 -3.11 3.39 13.66
N LEU A 212 -2.36 4.29 13.01
CA LEU A 212 -2.38 4.42 11.55
C LEU A 212 -0.99 4.08 11.03
N ARG A 213 -0.91 2.95 10.30
CA ARG A 213 0.35 2.38 9.85
C ARG A 213 0.12 2.10 8.36
N GLY A 214 0.53 3.04 7.52
CA GLY A 214 -0.05 3.09 6.19
C GLY A 214 0.88 3.06 5.02
N PHE A 215 0.30 2.73 3.86
CA PHE A 215 0.96 2.72 2.57
C PHE A 215 0.07 3.44 1.58
N MSE A 216 0.68 4.28 0.74
CA MSE A 216 -0.06 4.92 -0.34
C MSE A 216 0.51 4.50 -1.67
O MSE A 216 1.73 4.55 -1.88
CB MSE A 216 -0.01 6.45 -0.22
CG MSE A 216 -0.93 7.13 -1.21
SE MSE A 216 -0.13 8.69 -2.10
CE MSE A 216 0.91 7.73 -3.46
N LEU A 217 -0.36 4.09 -2.60
CA LEU A 217 0.04 3.63 -3.92
C LEU A 217 -0.66 4.48 -4.97
N ASP A 218 0.13 5.06 -5.86
CA ASP A 218 -0.33 5.83 -7.02
C ASP A 218 -0.80 4.84 -8.08
N VAL A 219 -2.07 4.44 -8.01
CA VAL A 219 -2.60 3.49 -9.00
C VAL A 219 -3.24 4.23 -10.16
N ALA A 220 -3.09 5.57 -10.20
CA ALA A 220 -3.67 6.37 -11.27
C ALA A 220 -2.73 6.56 -12.46
N ARG A 221 -1.45 6.90 -12.20
CA ARG A 221 -0.59 7.28 -13.31
C ARG A 221 -0.08 6.09 -14.11
N THR A 222 -0.15 4.88 -13.55
CA THR A 222 0.10 3.63 -14.27
C THR A 222 -0.76 2.58 -13.60
N PRO A 223 -1.25 1.59 -14.33
CA PRO A 223 -2.31 0.74 -13.78
C PRO A 223 -1.80 -0.43 -12.95
N TYR A 224 -2.64 -0.85 -12.00
CA TYR A 224 -2.36 -2.00 -11.15
C TYR A 224 -3.59 -2.89 -11.14
N PRO A 225 -3.47 -4.17 -11.48
CA PRO A 225 -4.63 -5.06 -11.40
C PRO A 225 -5.00 -5.36 -9.96
N LEU A 226 -6.26 -5.76 -9.78
CA LEU A 226 -6.74 -6.14 -8.46
C LEU A 226 -5.89 -7.22 -7.80
N SER A 227 -5.32 -8.14 -8.58
CA SER A 227 -4.54 -9.23 -7.99
C SER A 227 -3.31 -8.69 -7.27
N TYR A 228 -2.67 -7.67 -7.84
CA TYR A 228 -1.53 -7.05 -7.20
C TYR A 228 -1.95 -6.35 -5.92
N LEU A 229 -3.07 -5.63 -5.96
CA LEU A 229 -3.57 -4.96 -4.76
C LEU A 229 -3.88 -5.96 -3.65
N LYS A 230 -4.35 -7.16 -4.01
CA LYS A 230 -4.60 -8.18 -2.99
C LYS A 230 -3.29 -8.73 -2.41
N ASP A 231 -2.27 -8.89 -3.24
CA ASP A 231 -0.93 -9.18 -2.70
C ASP A 231 -0.50 -8.11 -1.70
N VAL A 232 -0.68 -6.84 -2.08
CA VAL A 232 -0.31 -5.73 -1.19
C VAL A 232 -1.04 -5.84 0.12
N ILE A 233 -2.36 -6.09 0.06
CA ILE A 233 -3.17 -6.17 1.27
C ILE A 233 -2.65 -7.27 2.20
N ARG A 234 -2.46 -8.47 1.64
CA ARG A 234 -2.04 -9.59 2.48
C ARG A 234 -0.66 -9.36 3.07
N THR A 235 0.25 -8.70 2.34
CA THR A 235 1.59 -8.49 2.87
C THR A 235 1.60 -7.38 3.94
N MSE A 236 0.80 -6.33 3.74
CA MSE A 236 0.59 -5.33 4.78
C MSE A 236 0.11 -6.00 6.06
O MSE A 236 0.67 -5.80 7.14
CB MSE A 236 -0.43 -4.27 4.35
CG MSE A 236 0.09 -3.36 3.29
SE MSE A 236 -1.25 -2.06 2.74
CE MSE A 236 -1.43 -1.08 4.44
N ALA A 237 -0.95 -6.82 5.94
CA ALA A 237 -1.48 -7.50 7.12
C ALA A 237 -0.44 -8.43 7.74
N TRP A 238 0.37 -9.07 6.90
CA TRP A 238 1.46 -9.93 7.39
C TRP A 238 2.38 -9.15 8.33
N TYR A 239 2.63 -7.89 8.03
CA TYR A 239 3.44 -7.05 8.92
C TYR A 239 2.59 -6.11 9.78
N LYS A 240 1.29 -6.40 9.93
CA LYS A 240 0.39 -5.66 10.83
C LYS A 240 0.22 -4.20 10.42
N MSE A 241 0.39 -3.88 9.15
CA MSE A 241 0.07 -2.54 8.66
C MSE A 241 -1.40 -2.51 8.23
O MSE A 241 -1.92 -3.53 7.81
CB MSE A 241 0.99 -2.14 7.52
CG MSE A 241 2.43 -1.97 7.97
SE MSE A 241 3.62 -1.37 6.56
CE MSE A 241 2.91 0.44 6.33
N ASN A 242 -2.04 -1.32 8.31
CA ASN A 242 -3.50 -1.33 8.32
C ASN A 242 -4.19 -0.19 7.58
N ASP A 243 -3.48 0.59 6.76
CA ASP A 243 -4.09 1.74 6.09
C ASP A 243 -3.52 1.82 4.68
N LEU A 244 -4.35 1.52 3.67
CA LEU A 244 -3.93 1.50 2.27
C LEU A 244 -4.66 2.60 1.51
N HIS A 245 -3.91 3.62 1.11
CA HIS A 245 -4.43 4.81 0.45
C HIS A 245 -4.20 4.64 -1.05
N LEU A 246 -5.27 4.65 -1.83
CA LEU A 246 -5.23 4.42 -3.27
C LEU A 246 -5.60 5.70 -4.02
N VAL A 247 -4.69 6.17 -4.87
CA VAL A 247 -4.93 7.37 -5.67
C VAL A 247 -5.78 6.98 -6.88
N ILE A 248 -7.07 7.36 -6.86
CA ILE A 248 -8.00 6.88 -7.88
C ILE A 248 -7.88 7.69 -9.16
N ASN A 249 -7.64 9.00 -9.06
CA ASN A 249 -7.42 9.79 -10.27
C ASN A 249 -6.17 10.64 -10.11
N ASN A 250 -5.53 10.87 -11.26
CA ASN A 250 -4.40 11.78 -11.34
C ASN A 250 -3.98 11.88 -12.81
N ASN A 251 -2.79 12.43 -13.06
CA ASN A 251 -2.35 12.62 -14.44
C ASN A 251 -0.84 12.81 -14.47
N TYR A 252 -0.28 12.68 -15.67
CA TYR A 252 1.13 12.96 -15.90
C TYR A 252 1.49 14.32 -15.33
N ILE A 253 2.65 14.40 -14.69
CA ILE A 253 3.01 15.63 -13.99
C ILE A 253 3.45 16.72 -14.97
N PHE A 254 4.31 16.36 -15.92
CA PHE A 254 5.14 17.34 -16.62
C PHE A 254 4.49 17.75 -17.94
N HIS A 255 3.38 18.49 -17.79
CA HIS A 255 2.70 19.03 -18.97
C HIS A 255 3.61 19.89 -19.82
N GLU A 256 4.62 20.51 -19.18
CA GLU A 256 5.57 21.35 -19.89
C GLU A 256 6.30 20.58 -20.99
N HIS A 257 6.48 19.25 -20.84
CA HIS A 257 7.13 18.47 -21.91
C HIS A 257 6.34 18.60 -23.22
N TYR A 258 5.03 18.45 -23.13
CA TYR A 258 4.19 18.63 -24.32
C TYR A 258 4.22 20.08 -24.79
N VAL A 259 4.03 21.03 -23.88
CA VAL A 259 4.00 22.44 -24.28
C VAL A 259 5.30 22.82 -25.01
N ASP A 260 6.43 22.48 -24.41
CA ASP A 260 7.73 22.85 -24.94
C ASP A 260 8.07 22.09 -26.20
N ASN A 261 7.36 21.01 -26.51
CA ASN A 261 7.62 20.34 -27.78
C ASN A 261 6.46 20.49 -28.77
N GLY A 262 5.64 21.53 -28.61
CA GLY A 262 4.67 21.88 -29.61
C GLY A 262 3.35 21.14 -29.55
N HIS A 263 3.00 20.58 -28.39
CA HIS A 263 1.77 19.80 -28.25
C HIS A 263 0.97 20.33 -27.07
N ASP A 264 -0.34 20.07 -27.10
CA ASP A 264 -1.26 20.54 -26.07
C ASP A 264 -1.39 19.46 -25.01
N PRO A 265 -0.92 19.69 -23.78
CA PRO A 265 -1.08 18.68 -22.73
C PRO A 265 -2.53 18.40 -22.39
N PHE A 266 -3.41 19.39 -22.54
CA PHE A 266 -4.83 19.14 -22.31
C PHE A 266 -5.36 18.04 -23.22
N LYS A 267 -4.78 17.91 -24.41
CA LYS A 267 -5.19 16.84 -25.33
C LYS A 267 -4.33 15.59 -25.21
N GLU A 268 -3.08 15.72 -24.73
CA GLU A 268 -2.10 14.64 -24.86
C GLU A 268 -1.71 13.97 -23.55
N SER A 269 -1.66 14.69 -22.43
CA SER A 269 -1.12 14.11 -21.20
C SER A 269 -1.96 12.94 -20.73
N TYR A 270 -1.29 11.89 -20.25
CA TYR A 270 -2.00 10.76 -19.66
C TYR A 270 -2.75 11.22 -18.42
N ALA A 271 -4.01 10.80 -18.31
CA ALA A 271 -4.80 11.03 -17.12
C ALA A 271 -5.69 9.81 -16.90
N ALA A 272 -5.99 9.52 -15.63
CA ALA A 272 -6.80 8.34 -15.37
C ALA A 272 -7.62 8.53 -14.10
N PHE A 273 -8.88 8.08 -14.18
CA PHE A 273 -9.79 7.93 -13.06
C PHE A 273 -10.20 6.46 -13.03
N ARG A 274 -9.85 5.75 -11.97
CA ARG A 274 -9.80 4.29 -12.04
C ARG A 274 -11.08 3.58 -11.64
N LEU A 275 -12.14 4.30 -11.27
CA LEU A 275 -13.40 3.66 -10.91
C LEU A 275 -14.42 3.75 -12.03
N GLU A 276 -15.16 2.68 -12.23
CA GLU A 276 -16.35 2.71 -13.08
C GLU A 276 -17.27 3.84 -12.63
N SER A 277 -17.72 4.64 -13.59
CA SER A 277 -18.51 5.82 -13.30
C SER A 277 -19.50 6.06 -14.44
N LYS A 278 -20.66 6.60 -14.08
CA LYS A 278 -21.64 7.03 -15.08
C LYS A 278 -21.27 8.37 -15.74
N MSE A 279 -20.31 9.09 -15.17
CA MSE A 279 -19.98 10.43 -15.64
CA MSE A 279 -19.95 10.43 -15.63
C MSE A 279 -19.37 10.45 -17.04
O MSE A 279 -18.47 9.67 -17.34
CB MSE A 279 -19.04 11.10 -14.64
CB MSE A 279 -18.96 11.08 -14.67
CG MSE A 279 -18.58 12.49 -15.07
CG MSE A 279 -19.49 11.32 -13.28
SE MSE A 279 -20.02 13.81 -15.03
SE MSE A 279 -20.72 12.83 -13.20
CE MSE A 279 -20.18 14.00 -13.08
CE MSE A 279 -19.62 14.13 -14.14
N LYS A 280 -19.87 11.36 -17.88
CA LYS A 280 -19.32 11.59 -19.20
C LYS A 280 -19.17 13.10 -19.43
N GLY A 281 -18.14 13.48 -20.17
CA GLY A 281 -17.87 14.87 -20.42
C GLY A 281 -18.75 15.45 -21.50
N LYS A 282 -18.49 16.74 -21.80
CA LYS A 282 -19.23 17.43 -22.86
C LYS A 282 -19.08 16.72 -24.19
N ASP A 283 -17.84 16.38 -24.56
CA ASP A 283 -17.59 15.69 -25.83
C ASP A 283 -18.10 14.25 -25.84
N GLY A 284 -18.67 13.77 -24.74
CA GLY A 284 -19.12 12.40 -24.63
C GLY A 284 -18.09 11.42 -24.11
N THR A 285 -16.88 11.88 -23.82
CA THR A 285 -15.84 10.95 -23.38
C THR A 285 -16.06 10.59 -21.91
N PRO A 286 -15.95 9.30 -21.57
CA PRO A 286 -16.21 8.89 -20.19
C PRO A 286 -15.14 9.39 -19.23
N LEU A 287 -15.54 9.54 -17.96
CA LEU A 287 -14.57 9.80 -16.91
C LEU A 287 -13.70 8.57 -16.63
N THR A 288 -14.28 7.38 -16.69
CA THR A 288 -13.58 6.17 -16.29
C THR A 288 -12.48 5.80 -17.29
N ALA A 289 -11.34 5.39 -16.74
CA ALA A 289 -10.18 5.03 -17.57
C ALA A 289 -10.52 3.89 -18.52
N ARG A 290 -9.93 3.95 -19.71
CA ARG A 290 -10.13 2.99 -20.78
C ARG A 290 -9.20 1.78 -20.66
N ASP A 291 -7.94 2.00 -20.25
CA ASP A 291 -6.97 0.92 -20.27
C ASP A 291 -7.20 -0.07 -19.12
N LEU A 292 -7.48 0.42 -17.91
CA LEU A 292 -7.75 -0.47 -16.78
C LEU A 292 -8.56 0.31 -15.76
N PHE A 293 -9.62 -0.32 -15.24
CA PHE A 293 -10.44 0.30 -14.21
C PHE A 293 -11.05 -0.78 -13.33
N TYR A 294 -11.52 -0.37 -12.16
CA TYR A 294 -12.18 -1.24 -11.20
C TYR A 294 -13.67 -0.96 -11.23
N THR A 295 -14.48 -1.99 -11.38
CA THR A 295 -15.92 -1.78 -11.30
C THR A 295 -16.30 -1.42 -9.86
N LYS A 296 -17.50 -0.84 -9.71
CA LYS A 296 -17.97 -0.49 -8.37
C LYS A 296 -18.07 -1.73 -7.48
N LYS A 297 -18.57 -2.84 -8.04
CA LYS A 297 -18.62 -4.08 -7.27
C LYS A 297 -17.21 -4.57 -6.93
N GLU A 298 -16.29 -4.50 -7.89
CA GLU A 298 -14.93 -4.94 -7.61
C GLU A 298 -14.31 -4.12 -6.49
N PHE A 299 -14.52 -2.80 -6.49
CA PHE A 299 -13.90 -1.97 -5.47
C PHE A 299 -14.54 -2.21 -4.10
N ALA A 300 -15.87 -2.31 -4.05
CA ALA A 300 -16.51 -2.61 -2.77
C ALA A 300 -16.06 -3.96 -2.21
N ASP A 301 -15.91 -4.96 -3.08
CA ASP A 301 -15.43 -6.26 -2.61
C ASP A 301 -13.97 -6.18 -2.19
N LEU A 302 -13.16 -5.35 -2.86
CA LEU A 302 -11.79 -5.17 -2.44
C LEU A 302 -11.71 -4.54 -1.06
N VAL A 303 -12.57 -3.55 -0.80
CA VAL A 303 -12.59 -2.92 0.52
C VAL A 303 -12.98 -3.93 1.59
N SER A 304 -14.01 -4.74 1.32
CA SER A 304 -14.42 -5.74 2.30
C SER A 304 -13.34 -6.80 2.53
N TYR A 305 -12.63 -7.19 1.48
CA TYR A 305 -11.54 -8.15 1.60
C TYR A 305 -10.42 -7.60 2.49
N ALA A 306 -10.00 -6.36 2.20
CA ALA A 306 -8.99 -5.72 3.04
C ALA A 306 -9.46 -5.66 4.48
N ARG A 307 -10.75 -5.36 4.71
CA ARG A 307 -11.28 -5.31 6.07
C ARG A 307 -11.11 -6.66 6.76
N LYS A 308 -11.39 -7.76 6.04
CA LYS A 308 -11.11 -9.09 6.56
C LYS A 308 -9.68 -9.18 7.09
N TYR A 309 -8.74 -8.57 6.37
CA TYR A 309 -7.34 -8.61 6.78
C TYR A 309 -6.93 -7.45 7.70
N GLY A 310 -7.89 -6.76 8.33
CA GLY A 310 -7.52 -5.69 9.24
C GLY A 310 -7.01 -4.43 8.57
N VAL A 311 -7.16 -4.29 7.26
CA VAL A 311 -6.62 -3.17 6.50
C VAL A 311 -7.77 -2.29 6.03
N ASN A 312 -7.67 -0.98 6.31
CA ASN A 312 -8.63 -0.02 5.81
C ASN A 312 -8.13 0.56 4.49
N ILE A 313 -8.97 0.52 3.46
CA ILE A 313 -8.65 1.13 2.17
C ILE A 313 -9.19 2.55 2.15
N VAL A 314 -8.36 3.50 1.75
CA VAL A 314 -8.77 4.90 1.67
C VAL A 314 -8.67 5.34 0.20
N PRO A 315 -9.80 5.57 -0.46
CA PRO A 315 -9.74 6.07 -1.84
C PRO A 315 -9.53 7.57 -1.85
N GLU A 316 -8.74 8.04 -2.82
CA GLU A 316 -8.52 9.47 -3.02
C GLU A 316 -9.05 9.88 -4.38
N PHE A 317 -9.90 10.90 -4.41
CA PHE A 317 -10.17 11.68 -5.62
C PHE A 317 -9.42 12.99 -5.45
N ASP A 318 -8.51 13.29 -6.37
CA ASP A 318 -7.65 14.46 -6.21
C ASP A 318 -8.20 15.62 -7.04
N THR A 319 -8.62 16.67 -6.34
CA THR A 319 -8.99 17.98 -6.89
C THR A 319 -8.51 19.01 -5.88
N PRO A 320 -8.36 20.28 -6.29
CA PRO A 320 -8.58 20.91 -7.60
C PRO A 320 -7.33 20.90 -8.49
N GLY A 321 -6.18 20.52 -7.91
CA GLY A 321 -5.03 20.16 -8.72
C GLY A 321 -5.09 18.71 -9.13
N HIS A 322 -4.16 18.33 -10.03
CA HIS A 322 -4.03 16.94 -10.47
C HIS A 322 -5.36 16.42 -11.02
N ALA A 323 -6.13 17.29 -11.66
CA ALA A 323 -7.52 17.02 -11.96
C ALA A 323 -7.81 17.09 -13.46
N LEU A 324 -6.82 16.74 -14.29
CA LEU A 324 -7.04 16.70 -15.73
C LEU A 324 -8.16 15.74 -16.10
N SER A 325 -8.38 14.68 -15.30
CA SER A 325 -9.52 13.81 -15.56
C SER A 325 -10.84 14.56 -15.46
N PHE A 326 -10.90 15.58 -14.61
CA PHE A 326 -12.12 16.37 -14.44
C PHE A 326 -12.21 17.53 -15.43
N THR A 327 -11.11 18.24 -15.67
CA THR A 327 -11.15 19.35 -16.62
C THR A 327 -11.46 18.84 -18.03
N ARG A 328 -11.09 17.60 -18.34
CA ARG A 328 -11.46 17.05 -19.64
C ARG A 328 -12.96 16.84 -19.75
N LEU A 329 -13.64 16.64 -18.63
CA LEU A 329 -15.10 16.62 -18.63
C LEU A 329 -15.66 18.02 -18.84
N ARG A 330 -15.05 19.01 -18.21
CA ARG A 330 -15.58 20.37 -18.17
C ARG A 330 -14.44 21.35 -18.42
N PRO A 331 -14.03 21.51 -19.68
CA PRO A 331 -12.94 22.45 -19.99
C PRO A 331 -13.28 23.88 -19.64
N ASP A 332 -14.57 24.23 -19.56
CA ASP A 332 -14.94 25.56 -19.11
C ASP A 332 -14.57 25.79 -17.64
N LEU A 333 -14.37 24.72 -16.88
CA LEU A 333 -14.00 24.84 -15.47
C LEU A 333 -12.49 24.77 -15.24
N ILE A 334 -11.69 24.99 -16.29
CA ILE A 334 -10.26 25.15 -16.10
C ILE A 334 -9.97 26.47 -15.41
N TYR A 335 -9.03 26.46 -14.47
CA TYR A 335 -8.65 27.66 -13.73
C TYR A 335 -8.03 28.70 -14.66
N LYS A 336 -8.49 29.95 -14.55
CA LYS A 336 -8.02 31.03 -15.41
C LYS A 336 -7.18 32.06 -14.68
N GLY A 337 -6.97 31.91 -13.38
CA GLY A 337 -6.28 32.91 -12.61
C GLY A 337 -4.78 32.78 -12.69
N PRO A 338 -4.09 33.68 -11.99
CA PRO A 338 -2.63 33.60 -11.93
C PRO A 338 -2.17 32.37 -11.15
N MSE A 339 -1.00 31.87 -11.53
CA MSE A 339 -0.45 30.67 -10.90
C MSE A 339 1.04 30.50 -11.18
O MSE A 339 1.57 31.02 -12.17
CB MSE A 339 -1.20 29.43 -11.39
CG MSE A 339 -1.00 29.14 -12.87
SE MSE A 339 -2.06 27.64 -13.55
CE MSE A 339 -1.06 26.16 -12.75
N ASN A 340 1.73 29.79 -10.29
CA ASN A 340 3.01 29.21 -10.64
C ASN A 340 2.77 27.99 -11.52
N HIS A 341 3.83 27.53 -12.18
CA HIS A 341 3.76 26.36 -13.06
C HIS A 341 2.66 26.52 -14.10
N GLU A 342 2.69 27.65 -14.82
CA GLU A 342 1.58 27.99 -15.69
C GLU A 342 1.36 26.95 -16.79
N LYS A 343 2.41 26.23 -17.19
CA LYS A 343 2.24 25.23 -18.24
C LYS A 343 1.46 24.00 -17.78
N ARG A 344 1.21 23.88 -16.47
CA ARG A 344 0.37 22.83 -15.92
C ARG A 344 -1.07 23.28 -15.69
N ARG A 345 -1.48 24.40 -16.31
CA ARG A 345 -2.81 24.94 -16.08
C ARG A 345 -3.91 23.93 -16.42
N CYS A 346 -3.66 23.06 -17.40
CA CYS A 346 -4.72 22.20 -17.95
C CYS A 346 -5.31 21.25 -16.92
N GLU A 347 -4.58 20.94 -15.85
CA GLU A 347 -5.06 20.02 -14.81
C GLU A 347 -5.73 20.75 -13.65
N MSE A 348 -5.77 22.08 -13.68
CA MSE A 348 -6.30 22.87 -12.55
C MSE A 348 -7.78 23.19 -12.71
O MSE A 348 -8.19 23.81 -13.69
CB MSE A 348 -5.54 24.20 -12.41
CG MSE A 348 -4.03 24.06 -12.32
SE MSE A 348 -3.46 23.36 -10.57
CE MSE A 348 -1.74 22.63 -11.13
N LEU A 349 -8.57 22.77 -11.73
CA LEU A 349 -9.99 23.13 -11.70
C LEU A 349 -10.18 24.53 -11.16
N ASP A 350 -11.26 25.17 -11.60
CA ASP A 350 -11.57 26.55 -11.20
C ASP A 350 -12.13 26.50 -9.78
N ALA A 351 -11.23 26.58 -8.80
CA ALA A 351 -11.56 26.29 -7.41
C ALA A 351 -12.68 27.19 -6.87
N ALA A 352 -12.71 28.45 -7.26
CA ALA A 352 -13.69 29.38 -6.70
C ALA A 352 -15.06 29.25 -7.34
N ASN A 353 -15.17 28.56 -8.46
CA ASN A 353 -16.39 28.48 -9.24
C ASN A 353 -17.38 27.53 -8.59
N PRO A 354 -18.63 27.95 -8.34
CA PRO A 354 -19.61 27.02 -7.73
C PRO A 354 -19.87 25.77 -8.57
N GLU A 355 -19.79 25.88 -9.89
CA GLU A 355 -19.97 24.70 -10.72
C GLU A 355 -18.87 23.67 -10.52
N THR A 356 -17.70 24.09 -10.04
CA THR A 356 -16.61 23.15 -9.79
C THR A 356 -16.94 22.27 -8.58
N ILE A 357 -17.36 22.88 -7.47
CA ILE A 357 -17.74 22.08 -6.31
C ILE A 357 -18.98 21.26 -6.61
N ASP A 358 -19.88 21.76 -7.48
CA ASP A 358 -21.00 20.93 -7.91
C ASP A 358 -20.52 19.66 -8.61
N LEU A 359 -19.62 19.81 -9.58
CA LEU A 359 -19.11 18.65 -10.31
C LEU A 359 -18.41 17.66 -9.38
N VAL A 360 -17.50 18.18 -8.55
CA VAL A 360 -16.70 17.31 -7.68
C VAL A 360 -17.61 16.61 -6.68
N SER A 361 -18.54 17.34 -6.07
CA SER A 361 -19.46 16.72 -5.11
CA SER A 361 -19.47 16.74 -5.11
C SER A 361 -20.34 15.67 -5.78
N LYS A 362 -20.74 15.90 -7.03
CA LYS A 362 -21.52 14.88 -7.74
C LYS A 362 -20.70 13.60 -7.93
N VAL A 363 -19.44 13.75 -8.33
CA VAL A 363 -18.58 12.58 -8.49
C VAL A 363 -18.44 11.84 -7.16
N PHE A 364 -18.16 12.58 -6.08
CA PHE A 364 -18.05 11.95 -4.75
C PHE A 364 -19.35 11.24 -4.39
N ASP A 365 -20.50 11.86 -4.66
CA ASP A 365 -21.78 11.29 -4.28
C ASP A 365 -22.07 10.00 -5.02
N GLU A 366 -21.53 9.83 -6.23
CA GLU A 366 -21.70 8.56 -6.93
C GLU A 366 -21.19 7.37 -6.11
N TYR A 367 -20.26 7.62 -5.19
CA TYR A 367 -19.67 6.57 -4.36
C TYR A 367 -19.99 6.69 -2.89
N MSE A 368 -20.41 7.86 -2.43
CA MSE A 368 -20.69 8.10 -1.01
C MSE A 368 -22.14 7.83 -0.64
O MSE A 368 -22.45 7.46 0.49
CB MSE A 368 -20.34 9.54 -0.65
CG MSE A 368 -18.87 9.83 -0.48
SE MSE A 368 -18.63 11.72 0.00
CE MSE A 368 -16.79 11.65 0.63
N LEU A 369 -23.03 8.07 -1.59
CA LEU A 369 -24.45 7.80 -1.42
C LEU A 369 -24.78 6.40 -1.90
N LYS A 370 -25.97 5.93 -1.53
CA LYS A 370 -26.36 4.55 -1.83
C LYS A 370 -26.33 4.29 -3.33
N ASP A 371 -25.67 3.22 -3.72
CA ASP A 371 -25.64 2.78 -5.11
C ASP A 371 -26.84 1.88 -5.37
N PRO A 372 -27.61 2.13 -6.43
CA PRO A 372 -28.82 1.32 -6.66
C PRO A 372 -28.55 -0.16 -6.88
N LYS A 373 -27.47 -0.52 -7.57
CA LYS A 373 -27.20 -1.93 -7.81
C LYS A 373 -26.70 -2.63 -6.55
N LEU A 374 -25.80 -2.00 -5.80
CA LEU A 374 -25.24 -2.62 -4.62
C LEU A 374 -26.16 -2.52 -3.40
N GLY A 375 -27.17 -1.65 -3.43
CA GLY A 375 -28.02 -1.46 -2.27
C GLY A 375 -27.34 -0.74 -1.12
N ARG A 376 -26.18 -0.15 -1.36
CA ARG A 376 -25.40 0.55 -0.35
C ARG A 376 -24.32 1.35 -1.08
N PRO A 377 -23.73 2.35 -0.42
CA PRO A 377 -22.69 3.13 -1.09
C PRO A 377 -21.50 2.27 -1.48
N VAL A 378 -20.89 2.60 -2.63
CA VAL A 378 -19.65 1.95 -3.01
C VAL A 378 -18.60 2.08 -1.91
N PHE A 379 -18.56 3.23 -1.25
CA PHE A 379 -17.64 3.50 -0.15
C PHE A 379 -18.23 3.18 1.21
N ALA A 380 -19.21 2.27 1.28
CA ALA A 380 -19.90 2.03 2.55
C ALA A 380 -18.95 1.57 3.65
N ASP A 381 -17.90 0.84 3.30
CA ASP A 381 -16.94 0.34 4.27
C ASP A 381 -15.66 1.16 4.31
N CYS A 382 -15.65 2.34 3.70
CA CYS A 382 -14.52 3.27 3.78
C CYS A 382 -14.90 4.35 4.79
N GLY A 383 -14.33 4.26 6.00
CA GLY A 383 -14.58 5.29 7.00
C GLY A 383 -13.95 6.62 6.64
N VAL A 384 -12.84 6.59 5.90
CA VAL A 384 -12.08 7.77 5.51
C VAL A 384 -12.04 7.83 4.00
N VAL A 385 -12.24 9.03 3.45
CA VAL A 385 -12.08 9.30 2.02
C VAL A 385 -11.13 10.48 1.87
N HIS A 386 -10.15 10.35 0.97
CA HIS A 386 -9.15 11.38 0.75
C HIS A 386 -9.65 12.34 -0.34
N VAL A 387 -9.63 13.63 -0.04
CA VAL A 387 -10.11 14.64 -0.97
C VAL A 387 -8.96 15.34 -1.72
N GLY A 388 -7.75 14.83 -1.59
CA GLY A 388 -6.62 15.37 -2.35
C GLY A 388 -6.22 16.76 -1.91
N ALA A 389 -6.32 17.72 -2.84
CA ALA A 389 -6.10 19.15 -2.59
C ALA A 389 -4.62 19.49 -2.41
N ASP A 390 -3.72 18.71 -2.99
CA ASP A 390 -2.31 19.03 -3.02
C ASP A 390 -1.98 19.87 -4.25
N GLU A 391 -0.97 20.71 -4.13
CA GLU A 391 -0.28 21.32 -5.26
C GLU A 391 -1.24 22.04 -6.22
N PHE A 392 -2.13 22.85 -5.66
CA PHE A 392 -2.90 23.81 -6.43
C PHE A 392 -2.09 25.10 -6.45
N TYR A 393 -1.58 25.48 -7.62
CA TYR A 393 -0.65 26.60 -7.72
C TYR A 393 -1.32 27.93 -7.95
N GLY A 394 -2.65 27.99 -7.86
CA GLY A 394 -3.40 29.21 -8.07
C GLY A 394 -3.67 29.98 -6.80
N ASP A 395 -4.70 30.82 -6.86
CA ASP A 395 -4.95 31.79 -5.80
C ASP A 395 -5.21 31.10 -4.46
N LYS A 396 -4.62 31.65 -3.41
CA LYS A 396 -4.69 31.03 -2.07
C LYS A 396 -6.11 31.01 -1.53
N GLU A 397 -6.83 32.13 -1.66
CA GLU A 397 -8.16 32.18 -1.07
C GLU A 397 -9.16 31.34 -1.87
N ASP A 398 -9.01 31.30 -3.20
CA ASP A 398 -9.80 30.36 -4.00
C ASP A 398 -9.54 28.92 -3.55
N TYR A 399 -8.26 28.58 -3.37
CA TYR A 399 -7.93 27.23 -2.92
C TYR A 399 -8.56 26.92 -1.57
N ARG A 400 -8.44 27.86 -0.61
CA ARG A 400 -8.97 27.60 0.73
C ARG A 400 -10.49 27.46 0.69
N HIS A 401 -11.15 28.28 -0.13
CA HIS A 401 -12.60 28.15 -0.30
C HIS A 401 -12.96 26.76 -0.79
N PHE A 402 -12.26 26.29 -1.84
CA PHE A 402 -12.58 24.98 -2.40
C PHE A 402 -12.26 23.85 -1.43
N ALA A 403 -11.12 23.92 -0.75
CA ALA A 403 -10.73 22.85 0.16
C ALA A 403 -11.72 22.76 1.32
N ASN A 404 -12.10 23.92 1.88
CA ASN A 404 -13.15 23.92 2.89
C ASN A 404 -14.42 23.28 2.36
N ALA A 405 -14.80 23.60 1.12
CA ALA A 405 -16.05 23.07 0.56
C ALA A 405 -16.02 21.55 0.41
N VAL A 406 -14.92 21.01 -0.13
CA VAL A 406 -14.88 19.56 -0.36
C VAL A 406 -14.77 18.80 0.96
N LEU A 407 -13.97 19.31 1.91
CA LEU A 407 -13.93 18.72 3.23
C LEU A 407 -15.30 18.74 3.90
N THR A 408 -16.00 19.89 3.81
CA THR A 408 -17.31 20.02 4.42
C THR A 408 -18.31 19.04 3.78
N HIS A 409 -18.20 18.84 2.47
CA HIS A 409 -19.09 17.91 1.79
C HIS A 409 -18.86 16.49 2.30
N ALA A 410 -17.60 16.07 2.40
CA ALA A 410 -17.32 14.74 2.94
C ALA A 410 -17.86 14.58 4.36
N LEU A 411 -17.62 15.57 5.21
CA LEU A 411 -18.09 15.49 6.59
C LEU A 411 -19.61 15.42 6.66
N LYS A 412 -20.30 16.24 5.87
CA LYS A 412 -21.76 16.22 5.85
C LYS A 412 -22.30 14.86 5.41
N ARG A 413 -21.58 14.18 4.54
CA ARG A 413 -21.99 12.85 4.09
C ARG A 413 -21.69 11.76 5.11
N GLY A 414 -21.10 12.11 6.25
CA GLY A 414 -20.80 11.13 7.27
C GLY A 414 -19.47 10.43 7.13
N TYR A 415 -18.59 10.91 6.27
CA TYR A 415 -17.26 10.33 6.09
C TYR A 415 -16.22 11.20 6.79
N THR A 416 -15.12 10.58 7.18
CA THR A 416 -13.99 11.34 7.68
C THR A 416 -13.08 11.70 6.51
N PRO A 417 -12.86 12.98 6.22
CA PRO A 417 -12.00 13.33 5.09
C PRO A 417 -10.53 13.34 5.51
N ARG A 418 -9.69 12.95 4.56
CA ARG A 418 -8.25 13.09 4.67
C ARG A 418 -7.80 14.01 3.53
N ILE A 419 -6.81 14.87 3.80
CA ILE A 419 -6.41 15.88 2.84
C ILE A 419 -4.89 16.01 2.86
N TRP A 420 -4.32 16.40 1.71
CA TRP A 420 -2.90 16.75 1.67
C TRP A 420 -2.69 18.11 2.32
N GLY A 421 -1.84 18.17 3.33
CA GLY A 421 -1.57 19.43 4.02
C GLY A 421 -0.97 20.49 3.13
N SER A 422 -1.69 21.62 2.96
CA SER A 422 -1.24 22.65 2.03
C SER A 422 -1.37 24.07 2.60
N LEU A 423 -1.70 24.21 3.88
CA LEU A 423 -2.15 25.50 4.41
C LEU A 423 -1.03 26.41 4.86
N SER A 424 0.22 25.93 4.96
CA SER A 424 1.32 26.85 5.18
C SER A 424 1.71 27.57 3.89
N ALA A 425 1.72 26.85 2.78
CA ALA A 425 1.98 27.45 1.48
C ALA A 425 0.75 28.15 0.90
N LYS A 426 -0.43 27.84 1.43
CA LYS A 426 -1.66 28.53 1.05
C LYS A 426 -2.35 29.09 2.30
N PRO A 427 -1.73 30.04 2.99
CA PRO A 427 -2.38 30.68 4.13
C PRO A 427 -3.42 31.67 3.66
N GLY A 428 -4.30 32.07 4.58
CA GLY A 428 -5.32 33.02 4.22
C GLY A 428 -6.37 33.14 5.31
N LYS A 429 -7.32 34.04 5.05
CA LYS A 429 -8.36 34.32 6.02
C LYS A 429 -9.62 33.50 5.81
N THR A 430 -9.79 32.89 4.64
CA THR A 430 -10.92 32.00 4.43
C THR A 430 -10.78 30.79 5.34
N PRO A 431 -11.72 30.54 6.26
CA PRO A 431 -11.57 29.41 7.16
C PRO A 431 -11.62 28.08 6.41
N VAL A 432 -10.74 27.17 6.79
CA VAL A 432 -10.77 25.80 6.30
C VAL A 432 -11.09 24.91 7.49
N VAL A 433 -12.21 24.19 7.40
CA VAL A 433 -12.66 23.31 8.47
C VAL A 433 -11.52 22.40 8.90
N SER A 434 -11.44 22.11 10.21
CA SER A 434 -10.39 21.24 10.73
C SER A 434 -10.98 20.15 11.62
N LYS A 435 -12.09 20.45 12.28
CA LYS A 435 -12.72 19.51 13.20
C LYS A 435 -13.11 18.21 12.51
N GLY A 436 -12.46 17.11 12.87
CA GLY A 436 -12.76 15.84 12.27
C GLY A 436 -11.98 15.53 11.01
N VAL A 437 -11.00 16.36 10.65
CA VAL A 437 -10.27 16.21 9.39
C VAL A 437 -8.91 15.58 9.67
N GLN A 438 -8.57 14.57 8.88
CA GLN A 438 -7.23 13.99 8.88
C GLN A 438 -6.38 14.64 7.79
N MSE A 439 -5.07 14.69 8.02
CA MSE A 439 -4.19 15.40 7.10
C MSE A 439 -2.84 14.70 6.94
O MSE A 439 -2.15 14.40 7.92
CB MSE A 439 -3.98 16.83 7.58
CG MSE A 439 -2.99 17.65 6.76
SE MSE A 439 -2.83 19.48 7.45
CE MSE A 439 -4.47 20.24 6.70
N ASN A 440 -2.48 14.39 5.69
CA ASN A 440 -1.14 13.91 5.39
C ASN A 440 -0.18 15.08 5.43
N LEU A 441 0.80 15.02 6.34
CA LEU A 441 1.90 15.98 6.35
C LEU A 441 2.96 15.47 5.39
N TRP A 442 2.88 15.91 4.13
CA TRP A 442 3.78 15.36 3.12
C TRP A 442 4.95 16.28 2.80
N SER A 443 4.81 17.58 3.02
CA SER A 443 5.86 18.55 2.73
C SER A 443 5.84 19.62 3.81
N THR A 444 6.98 19.79 4.50
CA THR A 444 7.10 20.85 5.50
C THR A 444 6.80 22.22 4.90
N GLY A 445 7.23 22.45 3.66
CA GLY A 445 6.98 23.74 3.02
C GLY A 445 5.54 23.99 2.69
N TRP A 446 4.77 22.93 2.44
CA TRP A 446 3.34 23.06 2.19
C TRP A 446 2.52 23.10 3.47
N MSE A 447 3.00 22.47 4.52
CA MSE A 447 2.27 22.45 5.80
C MSE A 447 3.20 22.06 6.93
O MSE A 447 3.67 20.92 6.98
CB MSE A 447 1.07 21.50 5.74
CG MSE A 447 0.29 21.39 7.06
SE MSE A 447 -1.22 22.65 7.18
CE MSE A 447 -0.36 24.07 8.22
N LYS A 448 3.47 22.99 7.84
CA LYS A 448 4.26 22.68 9.02
C LYS A 448 3.47 21.78 9.96
N ALA A 449 4.17 20.81 10.56
CA ALA A 449 3.51 19.88 11.48
C ALA A 449 2.86 20.62 12.66
N TRP A 450 3.62 21.52 13.30
CA TRP A 450 3.07 22.22 14.46
C TRP A 450 1.94 23.15 14.07
N GLU A 451 2.01 23.77 12.90
CA GLU A 451 0.89 24.59 12.43
C GLU A 451 -0.35 23.73 12.22
N ALA A 452 -0.19 22.58 11.58
CA ALA A 452 -1.32 21.66 11.38
C ALA A 452 -1.94 21.27 12.70
N VAL A 453 -1.10 20.87 13.67
CA VAL A 453 -1.61 20.46 14.98
C VAL A 453 -2.36 21.61 15.65
N ASN A 454 -1.76 22.81 15.63
CA ASN A 454 -2.39 23.94 16.32
C ASN A 454 -3.69 24.35 15.64
N GLN A 455 -3.82 24.10 14.34
CA GLN A 455 -5.06 24.39 13.64
C GLN A 455 -6.12 23.32 13.87
N GLY A 456 -5.79 22.22 14.53
CA GLY A 456 -6.78 21.25 14.94
C GLY A 456 -6.89 19.99 14.11
N TYR A 457 -5.93 19.71 13.22
CA TYR A 457 -6.00 18.53 12.36
C TYR A 457 -5.41 17.31 13.04
N ASP A 458 -5.96 16.15 12.72
CA ASP A 458 -5.32 14.87 13.02
C ASP A 458 -4.32 14.58 11.91
N VAL A 459 -3.06 14.37 12.28
CA VAL A 459 -1.97 14.41 11.32
C VAL A 459 -1.35 13.04 11.16
N ILE A 460 -0.83 12.79 9.96
CA ILE A 460 -0.19 11.54 9.57
C ILE A 460 1.17 11.90 9.01
N ASN A 461 2.23 11.35 9.60
CA ASN A 461 3.59 11.58 9.09
C ASN A 461 3.72 10.96 7.71
N THR A 462 3.84 11.79 6.67
CA THR A 462 3.97 11.35 5.28
C THR A 462 5.11 12.09 4.59
N ASN A 463 6.15 12.45 5.36
CA ASN A 463 7.12 13.44 4.90
C ASN A 463 7.87 12.94 3.66
N ASP A 464 7.87 13.78 2.61
CA ASP A 464 8.41 13.36 1.32
C ASP A 464 9.89 13.00 1.42
N GLY A 465 10.67 13.77 2.18
CA GLY A 465 12.10 13.52 2.24
C GLY A 465 12.48 12.15 2.79
N ALA A 466 11.65 11.62 3.69
CA ALA A 466 11.94 10.35 4.35
C ALA A 466 11.14 9.18 3.80
N LEU A 467 9.95 9.43 3.26
CA LEU A 467 8.98 8.35 3.06
C LEU A 467 8.49 8.19 1.63
N TYR A 468 8.96 9.01 0.68
CA TYR A 468 8.49 8.95 -0.70
C TYR A 468 9.40 8.06 -1.54
N ILE A 469 8.78 7.22 -2.38
CA ILE A 469 9.47 6.44 -3.41
C ILE A 469 8.87 6.81 -4.75
N VAL A 470 9.71 7.29 -5.67
CA VAL A 470 9.35 7.38 -7.08
C VAL A 470 10.16 6.32 -7.83
N PRO A 471 9.52 5.27 -8.33
CA PRO A 471 10.28 4.15 -8.90
C PRO A 471 11.27 4.56 -9.98
N PHE A 472 12.52 4.11 -9.81
CA PHE A 472 13.56 4.21 -10.82
C PHE A 472 13.90 5.64 -11.20
N ALA A 473 13.71 6.60 -10.29
CA ALA A 473 13.91 8.01 -10.60
C ALA A 473 15.19 8.53 -9.95
N GLY A 474 15.49 9.80 -10.21
CA GLY A 474 16.69 10.41 -9.68
C GLY A 474 16.43 11.23 -8.42
N TYR A 475 15.32 10.95 -7.75
CA TYR A 475 14.90 11.68 -6.57
C TYR A 475 13.84 10.86 -5.86
N TYR A 476 13.58 11.20 -4.61
CA TYR A 476 12.65 10.45 -3.75
C TYR A 476 12.95 8.96 -3.81
N ARG A 477 14.16 8.62 -3.35
CA ARG A 477 14.60 7.24 -3.41
C ARG A 477 14.71 6.67 -2.00
N MSE A 478 13.59 6.66 -1.28
CA MSE A 478 13.57 6.08 0.05
C MSE A 478 13.92 4.59 -0.01
O MSE A 478 14.42 4.03 0.97
CB MSE A 478 12.19 6.31 0.70
CG MSE A 478 12.01 5.57 2.02
SE MSE A 478 11.38 3.74 1.77
CE MSE A 478 9.46 4.11 1.94
N ASP A 479 13.69 3.95 -1.17
CA ASP A 479 14.02 2.55 -1.31
C ASP A 479 15.50 2.26 -1.15
N ARG A 480 16.34 3.30 -1.21
CA ARG A 480 17.78 3.19 -1.01
C ARG A 480 18.20 3.47 0.43
N ASN A 481 17.24 3.76 1.32
CA ASN A 481 17.58 4.21 2.67
C ASN A 481 16.86 3.35 3.72
N HIS A 482 16.67 2.07 3.41
CA HIS A 482 15.93 1.20 4.33
C HIS A 482 16.68 1.01 5.65
N LYS A 483 18.01 0.87 5.59
CA LYS A 483 18.77 0.72 6.82
C LYS A 483 18.68 1.96 7.70
N GLY A 484 18.82 3.15 7.09
CA GLY A 484 18.70 4.37 7.87
C GLY A 484 17.34 4.55 8.49
N LEU A 485 16.28 4.27 7.73
CA LEU A 485 14.93 4.31 8.29
C LEU A 485 14.79 3.35 9.45
N TYR A 486 15.26 2.12 9.27
CA TYR A 486 15.15 1.12 10.32
C TYR A 486 15.84 1.60 11.60
N ASN A 487 17.05 2.16 11.46
CA ASN A 487 17.79 2.56 12.64
C ASN A 487 17.34 3.88 13.24
N ASN A 488 16.64 4.72 12.49
CA ASN A 488 16.51 6.11 12.90
C ASN A 488 15.10 6.70 12.82
N TRP A 489 14.26 6.18 11.92
CA TRP A 489 12.98 6.82 11.65
C TRP A 489 11.99 6.54 12.77
N ILE A 490 11.31 7.58 13.23
CA ILE A 490 10.24 7.43 14.21
C ILE A 490 9.02 8.20 13.71
N PRO A 491 7.81 7.75 14.02
CA PRO A 491 6.62 8.40 13.44
C PRO A 491 6.43 9.85 13.84
N ASN A 492 6.91 10.25 15.03
CA ASN A 492 6.64 11.59 15.52
C ASN A 492 7.67 12.63 15.07
N ARG A 493 8.74 12.23 14.39
CA ARG A 493 9.68 13.17 13.80
C ARG A 493 9.28 13.35 12.33
N ILE A 494 8.82 14.56 11.98
CA ILE A 494 8.21 14.84 10.69
C ILE A 494 9.06 15.94 10.04
N GLY A 495 10.03 15.53 9.23
CA GLY A 495 10.98 16.49 8.70
C GLY A 495 11.81 17.09 9.82
N ASN A 496 11.93 18.42 9.82
CA ASN A 496 12.69 19.12 10.84
C ASN A 496 11.85 19.45 12.07
N GLU A 497 10.65 18.88 12.21
CA GLU A 497 9.81 19.09 13.38
C GLU A 497 9.60 17.77 14.11
N THR A 498 9.47 17.84 15.43
CA THR A 498 9.22 16.66 16.25
C THR A 498 8.04 16.93 17.16
N LEU A 499 6.97 16.16 16.98
CA LEU A 499 5.88 16.17 17.92
C LEU A 499 6.19 15.21 19.06
N PRO A 500 5.62 15.45 20.25
CA PRO A 500 5.69 14.41 21.29
C PRO A 500 5.01 13.14 20.79
N SER A 501 5.62 11.99 21.08
CA SER A 501 5.13 10.76 20.48
C SER A 501 3.72 10.42 20.94
N GLY A 502 3.31 10.92 22.09
CA GLY A 502 1.96 10.64 22.58
C GLY A 502 0.95 11.73 22.26
N HIS A 503 1.28 12.61 21.32
CA HIS A 503 0.33 13.67 21.00
C HIS A 503 -0.96 13.05 20.48
N PRO A 504 -2.12 13.41 21.04
CA PRO A 504 -3.38 12.79 20.60
C PRO A 504 -3.74 13.07 19.15
N GLN A 505 -3.19 14.11 18.53
CA GLN A 505 -3.50 14.41 17.14
C GLN A 505 -2.58 13.72 16.15
N LEU A 506 -1.57 12.99 16.63
CA LEU A 506 -0.67 12.23 15.75
C LEU A 506 -1.23 10.82 15.57
N LEU A 507 -1.68 10.50 14.35
CA LEU A 507 -2.30 9.20 14.10
C LEU A 507 -1.29 8.11 13.79
N GLY A 508 -0.12 8.47 13.27
CA GLY A 508 0.85 7.49 12.80
C GLY A 508 1.55 7.98 11.55
N GLY A 509 1.77 7.10 10.59
CA GLY A 509 2.51 7.51 9.40
C GLY A 509 2.20 6.63 8.20
N THR A 510 2.61 7.12 7.02
CA THR A 510 2.33 6.50 5.74
C THR A 510 3.52 6.69 4.80
N PHE A 511 3.98 5.61 4.17
CA PHE A 511 4.92 5.80 3.07
C PHE A 511 4.17 5.68 1.74
N ALA A 512 4.80 6.18 0.67
CA ALA A 512 4.09 6.39 -0.58
C ALA A 512 4.97 6.02 -1.77
N VAL A 513 4.36 5.34 -2.75
CA VAL A 513 4.96 5.10 -4.05
C VAL A 513 4.23 5.99 -5.06
N TRP A 514 5.00 6.88 -5.70
CA TRP A 514 4.49 7.84 -6.68
C TRP A 514 5.06 7.48 -8.04
N ASN A 515 4.20 7.27 -9.02
CA ASN A 515 4.66 6.81 -10.32
C ASN A 515 4.83 8.00 -11.27
N ASP A 516 5.84 8.83 -10.95
CA ASP A 516 6.08 10.04 -11.74
C ASP A 516 6.51 9.71 -13.16
N GLU A 517 7.36 8.70 -13.34
CA GLU A 517 8.07 8.53 -14.61
C GLU A 517 7.27 7.58 -15.50
N THR A 518 6.12 8.10 -15.92
CA THR A 518 5.14 7.32 -16.66
C THR A 518 4.79 8.06 -17.93
N ASP A 519 3.71 7.66 -18.60
CA ASP A 519 3.28 8.27 -19.88
C ASP A 519 4.48 8.24 -20.83
N ILE A 520 4.91 9.37 -21.39
CA ILE A 520 6.02 9.37 -22.34
C ILE A 520 7.37 9.13 -21.68
N MSE A 521 7.45 9.15 -20.35
CA MSE A 521 8.69 8.79 -19.68
C MSE A 521 8.74 7.29 -19.30
O MSE A 521 9.78 6.79 -18.85
CB MSE A 521 8.89 9.62 -18.41
CG MSE A 521 9.17 11.08 -18.67
SE MSE A 521 9.46 12.00 -16.97
CE MSE A 521 11.19 11.23 -16.49
N HIS A 522 7.63 6.59 -19.49
CA HIS A 522 7.48 5.25 -18.93
C HIS A 522 8.53 4.30 -19.50
N THR A 523 9.34 3.72 -18.62
CA THR A 523 10.33 2.72 -19.03
C THR A 523 9.73 1.34 -19.20
N GLY A 524 8.47 1.15 -18.82
CA GLY A 524 7.83 -0.15 -18.87
C GLY A 524 7.95 -0.95 -17.61
N TYR A 525 8.34 -0.35 -16.48
CA TYR A 525 8.40 -1.12 -15.26
C TYR A 525 7.00 -1.60 -14.89
N ALA A 526 6.95 -2.77 -14.28
CA ALA A 526 5.74 -3.45 -13.88
C ALA A 526 5.53 -3.31 -12.39
N PRO A 527 4.33 -3.64 -11.91
CA PRO A 527 4.14 -3.83 -10.46
C PRO A 527 5.09 -4.86 -9.86
N TYR A 528 5.28 -5.98 -10.54
CA TYR A 528 6.28 -6.96 -10.13
C TYR A 528 7.62 -6.31 -9.83
N ASP A 529 8.03 -5.37 -10.70
CA ASP A 529 9.36 -4.77 -10.58
C ASP A 529 9.52 -3.91 -9.34
N ILE A 530 8.43 -3.48 -8.69
CA ILE A 530 8.62 -2.72 -7.47
C ILE A 530 8.27 -3.53 -6.24
N TRP A 531 7.94 -4.81 -6.41
CA TRP A 531 7.48 -5.59 -5.27
C TRP A 531 8.52 -5.60 -4.17
N GLY A 532 9.77 -5.91 -4.53
CA GLY A 532 10.83 -5.94 -3.55
C GLY A 532 10.95 -4.65 -2.78
N ILE A 533 10.85 -3.51 -3.47
CA ILE A 533 11.05 -2.27 -2.73
C ILE A 533 9.82 -1.96 -1.89
N ILE A 534 8.63 -2.37 -2.34
CA ILE A 534 7.44 -2.14 -1.52
C ILE A 534 7.50 -3.02 -0.27
N SER A 535 7.64 -4.33 -0.47
CA SER A 535 7.68 -5.26 0.67
CA SER A 535 7.67 -5.25 0.67
C SER A 535 8.80 -4.88 1.62
N GLY A 536 10.00 -4.60 1.09
CA GLY A 536 11.10 -4.19 1.94
C GLY A 536 10.75 -2.98 2.78
N SER A 537 10.14 -1.97 2.16
CA SER A 537 9.75 -0.79 2.92
C SER A 537 8.81 -1.18 4.05
N MSE A 538 7.86 -2.05 3.75
CA MSE A 538 6.95 -2.53 4.78
C MSE A 538 7.73 -3.20 5.88
O MSE A 538 7.56 -2.84 7.06
CB MSE A 538 5.93 -3.50 4.18
CG MSE A 538 5.01 -2.82 3.17
SE MSE A 538 3.74 -4.07 2.37
CE MSE A 538 2.78 -2.75 1.26
N ASP A 539 8.64 -4.13 5.55
CA ASP A 539 9.21 -4.89 6.66
C ASP A 539 10.08 -4.00 7.53
N VAL A 540 10.49 -2.84 7.03
CA VAL A 540 11.17 -1.89 7.90
C VAL A 540 10.17 -1.03 8.65
N LEU A 541 9.23 -0.43 7.90
CA LEU A 541 8.43 0.62 8.51
C LEU A 541 7.40 0.05 9.46
N SER A 542 6.93 -1.17 9.19
CA SER A 542 6.05 -1.85 10.13
C SER A 542 6.67 -1.84 11.52
N GLN A 543 7.97 -2.17 11.60
CA GLN A 543 8.62 -2.23 12.91
C GLN A 543 8.57 -0.87 13.60
N LYS A 544 8.79 0.21 12.85
CA LYS A 544 8.82 1.51 13.51
C LYS A 544 7.43 2.07 13.72
N LEU A 545 6.42 1.52 13.07
CA LEU A 545 5.07 2.06 13.26
C LEU A 545 4.34 1.31 14.37
N TRP A 546 4.50 -0.01 14.42
CA TRP A 546 3.90 -0.80 15.49
C TRP A 546 4.73 -0.76 16.76
N GLY A 547 6.06 -0.78 16.64
CA GLY A 547 6.95 -1.02 17.76
C GLY A 547 7.44 0.25 18.42
N THR A 548 8.45 0.08 19.28
CA THR A 548 8.99 1.17 20.07
C THR A 548 9.88 2.08 19.21
N ALA A 549 10.45 3.10 19.85
CA ALA A 549 11.31 4.05 19.15
C ALA A 549 12.68 3.46 18.78
N LYS A 550 13.05 2.33 19.34
CA LYS A 550 14.34 1.70 19.07
C LYS A 550 14.13 0.39 18.33
N ALA A 551 14.93 0.16 17.29
CA ALA A 551 14.87 -1.11 16.58
C ALA A 551 15.35 -2.23 17.50
N PRO A 552 14.76 -3.42 17.41
CA PRO A 552 15.14 -4.52 18.30
C PRO A 552 16.45 -5.20 17.93
N ASP A 553 16.96 -4.97 16.72
CA ASP A 553 18.13 -5.68 16.21
C ASP A 553 18.83 -4.78 15.21
N THR A 554 19.96 -5.23 14.68
CA THR A 554 20.58 -4.52 13.58
C THR A 554 19.78 -4.75 12.30
N PHE A 555 19.96 -3.84 11.34
CA PHE A 555 19.29 -3.98 10.06
C PHE A 555 19.60 -5.32 9.41
N GLU A 556 20.85 -5.76 9.49
CA GLU A 556 21.25 -7.01 8.85
C GLU A 556 20.55 -8.20 9.49
N GLN A 557 20.50 -8.25 10.83
CA GLN A 557 19.75 -9.28 11.52
C GLN A 557 18.27 -9.21 11.15
N HIS A 558 17.74 -7.98 11.04
CA HIS A 558 16.35 -7.81 10.66
C HIS A 558 16.06 -8.47 9.31
N ARG A 559 16.92 -8.22 8.31
CA ARG A 559 16.65 -8.77 6.98
C ARG A 559 16.88 -10.27 6.93
N GLU A 560 17.85 -10.78 7.69
CA GLU A 560 17.94 -12.24 7.86
C GLU A 560 16.61 -12.80 8.35
N LEU A 561 16.02 -12.17 9.37
CA LEU A 561 14.74 -12.62 9.90
C LEU A 561 13.63 -12.49 8.86
N VAL A 562 13.64 -11.40 8.08
CA VAL A 562 12.67 -11.24 6.99
C VAL A 562 12.71 -12.45 6.09
N SER A 563 13.92 -12.85 5.69
CA SER A 563 14.05 -14.00 4.80
C SER A 563 13.56 -15.28 5.47
N SER A 564 13.86 -15.47 6.76
CA SER A 564 13.43 -16.69 7.44
CA SER A 564 13.43 -16.69 7.44
C SER A 564 11.91 -16.77 7.56
N ILE A 565 11.25 -15.63 7.75
CA ILE A 565 9.80 -15.62 7.93
C ILE A 565 9.07 -15.79 6.60
N GLY A 566 9.56 -15.14 5.54
CA GLY A 566 9.03 -15.36 4.22
C GLY A 566 7.84 -14.46 3.87
N ASN A 567 7.25 -14.78 2.73
CA ASN A 567 6.13 -14.02 2.19
C ASN A 567 4.86 -14.29 3.00
N ALA A 568 3.87 -13.43 2.81
CA ALA A 568 2.59 -13.63 3.48
C ALA A 568 1.99 -14.97 3.06
N PRO A 569 1.28 -15.65 3.97
CA PRO A 569 0.66 -16.93 3.61
C PRO A 569 -0.22 -16.79 2.38
N ARG A 570 -0.21 -17.83 1.54
CA ARG A 570 -1.04 -17.90 0.34
C ARG A 570 -0.78 -16.72 -0.60
N THR A 571 0.45 -16.20 -0.58
CA THR A 571 0.82 -15.06 -1.40
C THR A 571 2.12 -15.40 -2.13
N ASN A 572 2.11 -15.21 -3.45
CA ASN A 572 3.21 -15.62 -4.33
C ASN A 572 3.53 -14.45 -5.24
N PRO A 573 4.10 -13.36 -4.69
CA PRO A 573 4.20 -12.11 -5.47
C PRO A 573 5.18 -12.19 -6.62
N LEU A 574 6.19 -13.05 -6.55
CA LEU A 574 7.15 -13.20 -7.63
C LEU A 574 6.77 -14.32 -8.60
N HIS A 575 5.58 -14.92 -8.43
CA HIS A 575 5.03 -15.91 -9.36
C HIS A 575 5.98 -17.08 -9.57
N LYS A 576 6.57 -17.56 -8.49
CA LYS A 576 7.45 -18.72 -8.58
C LYS A 576 6.65 -20.01 -8.57
N TRP A 577 7.20 -21.03 -9.22
CA TRP A 577 6.62 -22.37 -9.13
C TRP A 577 7.13 -23.08 -7.88
N LYS A 578 6.31 -24.02 -7.38
CA LYS A 578 6.65 -24.76 -6.18
C LYS A 578 7.97 -25.51 -6.34
N ASP A 579 8.18 -26.13 -7.50
CA ASP A 579 9.43 -26.80 -7.81
C ASP A 579 9.87 -26.39 -9.20
N SER A 580 11.18 -26.48 -9.45
CA SER A 580 11.74 -26.02 -10.71
C SER A 580 11.65 -27.08 -11.79
N GLN A 581 10.62 -27.93 -11.74
CA GLN A 581 10.48 -28.96 -12.74
C GLN A 581 9.93 -28.36 -14.04
N PRO A 582 10.48 -28.75 -15.19
CA PRO A 582 10.01 -28.19 -16.45
C PRO A 582 8.64 -28.71 -16.83
N LEU A 583 8.03 -28.05 -17.79
CA LEU A 583 6.76 -28.43 -18.37
C LEU A 583 6.97 -28.65 -19.87
N THR A 584 6.58 -29.82 -20.36
CA THR A 584 6.64 -30.13 -21.78
C THR A 584 5.26 -30.53 -22.27
N VAL A 585 4.86 -29.98 -23.41
CA VAL A 585 3.55 -30.24 -23.99
C VAL A 585 3.72 -30.50 -25.48
N LYS A 586 3.20 -31.64 -25.95
CA LYS A 586 3.05 -31.87 -27.38
C LYS A 586 1.59 -31.60 -27.73
N PRO A 587 1.26 -30.45 -28.31
CA PRO A 587 -0.15 -30.10 -28.50
C PRO A 587 -0.81 -30.97 -29.55
N SER A 588 -2.04 -31.40 -29.26
CA SER A 588 -2.82 -32.20 -30.21
C SER A 588 -3.67 -31.32 -31.13
N SER A 589 -4.22 -30.24 -30.61
CA SER A 589 -5.05 -29.34 -31.39
C SER A 589 -5.19 -28.02 -30.63
N LEU A 590 -5.31 -26.93 -31.39
CA LEU A 590 -5.44 -25.61 -30.79
C LEU A 590 -6.88 -25.13 -30.84
N PRO A 591 -7.34 -24.41 -29.79
CA PRO A 591 -6.58 -24.11 -28.58
C PRO A 591 -6.45 -25.30 -27.66
N GLN A 592 -5.41 -25.30 -26.82
CA GLN A 592 -5.14 -26.37 -25.89
C GLN A 592 -5.08 -25.81 -24.47
N LYS A 593 -5.87 -26.39 -23.58
CA LYS A 593 -5.90 -25.96 -22.20
C LYS A 593 -4.66 -26.50 -21.48
N LEU A 594 -3.94 -25.61 -20.79
CA LEU A 594 -2.76 -25.97 -20.03
C LEU A 594 -3.01 -26.01 -18.54
N ASP A 595 -3.71 -25.02 -18.00
CA ASP A 595 -4.07 -24.95 -16.59
C ASP A 595 -2.84 -25.10 -15.70
N LYS A 596 -1.78 -24.36 -16.05
CA LYS A 596 -0.59 -24.27 -15.22
C LYS A 596 -0.48 -22.88 -14.62
N PRO A 597 0.15 -22.74 -13.44
CA PRO A 597 0.31 -21.41 -12.85
C PRO A 597 1.24 -20.53 -13.68
N ALA A 598 0.97 -19.22 -13.66
CA ALA A 598 1.83 -18.27 -14.33
C ALA A 598 3.23 -18.34 -13.74
N LEU A 599 4.24 -18.00 -14.55
CA LEU A 599 5.63 -18.17 -14.15
C LEU A 599 6.38 -16.86 -14.28
N GLY A 600 6.88 -16.35 -13.15
CA GLY A 600 7.73 -15.18 -13.18
C GLY A 600 9.16 -15.53 -13.51
N PRO A 601 9.97 -14.51 -13.79
CA PRO A 601 11.39 -14.76 -14.07
C PRO A 601 12.08 -15.47 -12.92
N ASN A 602 13.14 -16.22 -13.24
CA ASN A 602 13.67 -16.39 -14.58
C ASN A 602 13.09 -17.62 -15.24
N TYR A 603 12.88 -17.54 -16.56
CA TYR A 603 12.37 -18.71 -17.27
C TYR A 603 12.85 -18.69 -18.70
N ARG A 604 12.78 -19.86 -19.35
CA ARG A 604 12.95 -19.97 -20.80
C ARG A 604 11.78 -20.76 -21.35
N LEU A 605 11.07 -20.16 -22.30
CA LEU A 605 10.02 -20.83 -23.05
C LEU A 605 10.57 -21.16 -24.42
N THR A 606 10.46 -22.42 -24.83
CA THR A 606 10.90 -22.85 -26.15
C THR A 606 9.72 -23.48 -26.87
N MSE A 607 9.47 -23.04 -28.09
CA MSE A 607 8.40 -23.62 -28.89
CA MSE A 607 8.39 -23.59 -28.90
C MSE A 607 8.85 -23.88 -30.32
O MSE A 607 9.61 -23.11 -30.90
CB MSE A 607 7.18 -22.70 -28.90
CB MSE A 607 7.20 -22.64 -28.93
CG MSE A 607 6.35 -22.75 -27.63
CG MSE A 607 6.76 -22.11 -27.58
SE MSE A 607 4.93 -21.42 -27.65
SE MSE A 607 5.33 -20.82 -27.79
CE MSE A 607 6.05 -19.92 -28.19
CE MSE A 607 3.96 -22.03 -28.49
N GLU A 608 8.38 -24.99 -30.86
CA GLU A 608 8.50 -25.28 -32.29
C GLU A 608 7.11 -25.06 -32.87
N LEU A 609 6.99 -24.06 -33.75
CA LEU A 609 5.68 -23.70 -34.28
C LEU A 609 5.81 -23.29 -35.74
N GLU A 610 4.65 -23.07 -36.34
CA GLU A 610 4.56 -22.55 -37.70
C GLU A 610 3.32 -21.68 -37.78
N LEU A 611 3.51 -20.40 -38.09
CA LEU A 611 2.40 -19.51 -38.35
C LEU A 611 1.92 -19.78 -39.78
N THR A 612 0.64 -20.15 -39.94
CA THR A 612 0.14 -20.55 -41.25
C THR A 612 -0.70 -19.48 -41.94
N ALA A 613 -1.08 -18.42 -41.24
CA ALA A 613 -1.87 -17.35 -41.83
C ALA A 613 -1.79 -16.14 -40.90
N ALA A 614 -1.64 -14.94 -41.50
CA ALA A 614 -1.47 -13.70 -40.73
C ALA A 614 -2.31 -12.60 -41.36
N PRO A 615 -3.64 -12.69 -41.25
CA PRO A 615 -4.49 -11.63 -41.79
C PRO A 615 -4.14 -10.29 -41.17
N GLU A 616 -4.05 -9.27 -42.03
CA GLU A 616 -3.56 -7.96 -41.64
C GLU A 616 -4.36 -7.38 -40.48
N GLY A 617 -3.66 -6.72 -39.56
CA GLY A 617 -4.29 -6.01 -38.47
C GLY A 617 -5.05 -6.87 -37.48
N LYS A 618 -4.84 -8.19 -37.51
CA LYS A 618 -5.55 -9.12 -36.65
C LYS A 618 -4.61 -9.65 -35.58
N GLU A 619 -5.03 -9.55 -34.32
CA GLU A 619 -4.22 -10.02 -33.21
C GLU A 619 -4.34 -11.54 -33.08
N GLN A 620 -3.21 -12.20 -32.79
CA GLN A 620 -3.18 -13.64 -32.61
C GLN A 620 -2.56 -13.98 -31.25
N VAL A 621 -3.36 -14.56 -30.36
CA VAL A 621 -2.94 -14.86 -29.00
C VAL A 621 -2.37 -16.28 -28.97
N LEU A 622 -1.12 -16.40 -28.54
CA LEU A 622 -0.43 -17.69 -28.45
C LEU A 622 -0.43 -18.25 -27.04
N LEU A 623 -0.26 -17.40 -26.02
CA LEU A 623 -0.42 -17.87 -24.65
C LEU A 623 -1.30 -16.89 -23.89
N ALA A 624 -2.14 -17.40 -22.99
CA ALA A 624 -3.04 -16.51 -22.27
C ALA A 624 -3.29 -17.03 -20.86
N ALA A 625 -3.53 -16.09 -19.95
CA ALA A 625 -3.95 -16.33 -18.58
C ALA A 625 -4.36 -14.98 -18.02
N PRO A 626 -4.99 -14.91 -16.84
CA PRO A 626 -5.29 -13.58 -16.26
C PRO A 626 -4.08 -12.67 -16.17
N GLU A 627 -2.88 -13.25 -16.05
CA GLU A 627 -1.69 -12.44 -15.89
C GLU A 627 -1.25 -11.78 -17.20
N GLY A 628 -1.72 -12.25 -18.34
CA GLY A 628 -1.38 -11.59 -19.58
C GLY A 628 -1.52 -12.51 -20.78
N GLU A 629 -1.00 -12.03 -21.91
CA GLU A 629 -1.10 -12.69 -23.20
C GLU A 629 0.20 -12.56 -23.97
N LEU A 630 0.72 -13.69 -24.45
CA LEU A 630 1.77 -13.71 -25.45
C LEU A 630 1.12 -13.67 -26.83
N LEU A 631 1.44 -12.63 -27.60
CA LEU A 631 0.86 -12.38 -28.91
C LEU A 631 1.87 -12.78 -29.98
N ALA A 632 1.60 -13.90 -30.66
CA ALA A 632 2.41 -14.28 -31.82
C ALA A 632 2.38 -13.20 -32.89
N VAL A 633 1.21 -12.59 -33.10
CA VAL A 633 1.04 -11.53 -34.08
C VAL A 633 0.24 -10.42 -33.41
N MSE A 634 0.80 -9.22 -33.37
CA MSE A 634 0.06 -8.08 -32.82
C MSE A 634 -0.66 -7.38 -33.95
O MSE A 634 -0.58 -7.83 -35.10
CB MSE A 634 1.00 -7.12 -32.09
CG MSE A 634 1.81 -7.79 -30.98
SE MSE A 634 2.92 -6.50 -30.02
CE MSE A 634 1.53 -5.62 -28.97
N LYS A 635 -1.35 -6.28 -33.65
CA LYS A 635 -2.03 -5.54 -34.71
C LYS A 635 -1.05 -5.00 -35.74
N ASP A 636 0.17 -4.68 -35.32
CA ASP A 636 1.21 -4.25 -36.26
C ASP A 636 2.02 -5.41 -36.84
N GLY A 637 1.61 -6.64 -36.57
CA GLY A 637 2.23 -7.80 -37.16
C GLY A 637 3.41 -8.37 -36.42
N THR A 638 3.90 -7.69 -35.39
CA THR A 638 5.09 -8.16 -34.68
C THR A 638 4.70 -9.14 -33.58
N VAL A 639 5.71 -9.85 -33.09
CA VAL A 639 5.55 -10.63 -31.87
C VAL A 639 5.64 -9.68 -30.67
N GLY A 640 4.80 -9.92 -29.67
CA GLY A 640 4.86 -9.11 -28.47
C GLY A 640 4.05 -9.73 -27.37
N PHE A 641 3.72 -8.90 -26.37
CA PHE A 641 2.87 -9.39 -25.28
C PHE A 641 2.14 -8.24 -24.64
N ARG A 642 1.12 -8.60 -23.86
CA ARG A 642 0.31 -7.63 -23.11
C ARG A 642 0.19 -8.15 -21.69
N ARG A 643 0.41 -7.27 -20.71
CA ARG A 643 0.41 -7.68 -19.32
C ARG A 643 -0.93 -7.35 -18.66
N ASP A 644 -1.11 -7.86 -17.44
CA ASP A 644 -2.35 -7.59 -16.72
C ASP A 644 -2.41 -6.17 -16.17
N ASP A 645 -1.35 -5.36 -16.31
CA ASP A 645 -1.44 -3.93 -16.06
C ASP A 645 -1.78 -3.13 -17.31
N SER A 646 -2.16 -3.82 -18.40
CA SER A 646 -2.58 -3.30 -19.69
C SER A 646 -1.42 -2.79 -20.54
N LEU A 647 -0.18 -2.83 -20.05
CA LEU A 647 0.93 -2.33 -20.86
C LEU A 647 1.30 -3.37 -21.92
N GLU A 648 1.57 -2.90 -23.14
CA GLU A 648 1.85 -3.74 -24.30
C GLU A 648 3.28 -3.53 -24.75
N PHE A 649 3.92 -4.61 -25.18
CA PHE A 649 5.33 -4.61 -25.55
C PHE A 649 5.50 -5.34 -26.87
N SER A 650 6.44 -4.86 -27.69
CA SER A 650 6.74 -5.49 -28.97
C SER A 650 8.21 -5.85 -29.03
N PHE A 651 8.53 -7.02 -29.60
CA PHE A 651 9.91 -7.40 -29.81
C PHE A 651 10.50 -6.78 -31.08
N GLY A 652 9.68 -6.15 -31.91
CA GLY A 652 10.15 -5.56 -33.15
C GLY A 652 10.45 -6.55 -34.24
N ALA A 653 10.12 -7.83 -34.05
CA ALA A 653 10.34 -8.87 -35.04
C ALA A 653 9.02 -9.55 -35.36
N LYS A 654 8.93 -10.09 -36.58
CA LYS A 654 7.72 -10.75 -37.06
C LYS A 654 8.01 -12.22 -37.32
N LEU A 655 7.03 -13.07 -37.03
CA LEU A 655 7.15 -14.49 -37.37
C LEU A 655 6.99 -14.68 -38.88
N PRO A 656 7.75 -15.60 -39.48
CA PRO A 656 7.53 -15.91 -40.90
C PRO A 656 6.27 -16.74 -41.09
N VAL A 657 5.54 -16.45 -42.17
CA VAL A 657 4.32 -17.17 -42.49
C VAL A 657 4.66 -18.37 -43.35
N GLY A 658 4.13 -19.53 -42.98
CA GLY A 658 4.35 -20.74 -43.77
C GLY A 658 5.71 -21.38 -43.58
N LYS A 659 6.36 -21.18 -42.44
CA LYS A 659 7.69 -21.71 -42.20
C LYS A 659 7.80 -22.17 -40.75
N LYS A 660 8.32 -23.39 -40.57
CA LYS A 660 8.65 -23.87 -39.23
C LYS A 660 9.76 -23.01 -38.63
N VAL A 661 9.62 -22.67 -37.35
CA VAL A 661 10.57 -21.80 -36.69
C VAL A 661 10.63 -22.16 -35.21
N LYS A 662 11.82 -22.03 -34.64
CA LYS A 662 12.03 -22.27 -33.22
C LYS A 662 11.94 -20.94 -32.49
N VAL A 663 11.02 -20.84 -31.55
CA VAL A 663 10.76 -19.60 -30.81
C VAL A 663 11.27 -19.79 -29.40
N GLU A 664 12.13 -18.88 -28.93
CA GLU A 664 12.61 -18.90 -27.56
C GLU A 664 12.36 -17.55 -26.93
N ILE A 665 11.71 -17.56 -25.76
CA ILE A 665 11.46 -16.34 -25.01
C ILE A 665 12.10 -16.51 -23.64
N VAL A 666 13.04 -15.62 -23.32
CA VAL A 666 13.80 -15.66 -22.08
C VAL A 666 13.29 -14.53 -21.20
N GLY A 667 12.74 -14.89 -20.04
CA GLY A 667 12.24 -13.90 -19.10
C GLY A 667 13.16 -13.73 -17.92
N GLU A 668 13.61 -12.49 -17.72
CA GLU A 668 14.43 -12.06 -16.60
C GLU A 668 13.77 -10.84 -15.97
N PRO A 669 14.10 -10.51 -14.72
CA PRO A 669 13.58 -9.27 -14.13
C PRO A 669 13.90 -8.07 -15.01
N GLU A 670 12.87 -7.34 -15.42
CA GLU A 670 12.93 -6.16 -16.26
C GLU A 670 13.40 -6.40 -17.68
N LYS A 671 13.45 -7.66 -18.16
CA LYS A 671 13.89 -7.87 -19.54
C LYS A 671 13.39 -9.20 -20.06
N THR A 672 12.57 -9.16 -21.12
CA THR A 672 12.16 -10.34 -21.84
C THR A 672 12.74 -10.27 -23.26
N SER A 673 13.38 -11.36 -23.70
CA SER A 673 14.07 -11.39 -24.98
CA SER A 673 14.06 -11.38 -24.98
C SER A 673 13.50 -12.49 -25.86
N LEU A 674 13.49 -12.23 -27.16
CA LEU A 674 12.99 -13.17 -28.16
C LEU A 674 14.12 -13.59 -29.08
N LEU A 675 14.20 -14.90 -29.33
CA LEU A 675 15.10 -15.50 -30.31
C LEU A 675 14.28 -16.34 -31.28
N LEU A 676 14.67 -16.30 -32.55
CA LEU A 676 14.04 -17.08 -33.61
C LEU A 676 15.14 -17.90 -34.29
N ASP A 677 14.97 -19.22 -34.27
CA ASP A 677 15.98 -20.15 -34.77
C ASP A 677 17.36 -19.85 -34.17
N GLY A 678 17.38 -19.63 -32.87
CA GLY A 678 18.62 -19.40 -32.15
C GLY A 678 19.27 -18.05 -32.38
N GLU A 679 18.66 -17.16 -33.19
CA GLU A 679 19.22 -15.85 -33.45
C GLU A 679 18.48 -14.79 -32.66
N PRO A 680 19.19 -13.90 -31.95
CA PRO A 680 18.52 -12.79 -31.25
C PRO A 680 17.60 -12.00 -32.16
N ALA A 681 16.30 -12.11 -31.91
CA ALA A 681 15.29 -11.41 -32.70
C ALA A 681 14.93 -10.07 -32.09
N GLY A 682 14.98 -9.94 -30.76
CA GLY A 682 14.85 -8.60 -30.21
C GLY A 682 14.59 -8.63 -28.72
N THR A 683 14.59 -7.43 -28.14
CA THR A 683 14.19 -7.22 -26.76
C THR A 683 12.92 -6.37 -26.74
N ALA A 684 12.02 -6.70 -25.84
CA ALA A 684 10.70 -6.08 -25.84
C ALA A 684 10.78 -4.61 -25.42
N VAL A 685 9.92 -3.79 -26.04
CA VAL A 685 9.86 -2.36 -25.79
C VAL A 685 8.41 -1.96 -25.57
N LEU A 686 8.15 -1.16 -24.53
CA LEU A 686 6.80 -0.68 -24.26
C LEU A 686 6.29 0.15 -25.43
N LYS A 687 5.01 -0.07 -25.80
CA LYS A 687 4.44 0.58 -26.96
C LYS A 687 3.35 1.61 -26.66
N ASN A 688 2.85 1.66 -25.42
CA ASN A 688 1.60 2.39 -25.14
C ASN A 688 1.69 3.89 -25.37
N PHE A 689 2.83 4.53 -25.11
CA PHE A 689 2.87 5.98 -25.07
C PHE A 689 3.89 6.61 -26.01
N SER A 690 4.82 5.83 -26.56
CA SER A 690 5.96 6.39 -27.28
C SER A 690 5.56 7.17 -28.53
N ASP A 691 4.43 6.80 -29.16
CA ASP A 691 4.02 7.47 -30.39
CA ASP A 691 4.04 7.47 -30.39
C ASP A 691 3.77 8.96 -30.17
N LYS A 692 3.41 9.34 -28.94
CA LYS A 692 3.17 10.76 -28.69
C LYS A 692 4.45 11.58 -28.73
N SER A 693 5.60 10.98 -28.44
CA SER A 693 6.85 11.73 -28.40
C SER A 693 7.80 11.35 -29.52
N LYS A 694 7.35 10.54 -30.48
CA LYS A 694 8.23 10.00 -31.52
C LYS A 694 8.94 11.11 -32.29
N ASP A 695 8.28 12.24 -32.53
CA ASP A 695 8.82 13.30 -33.35
C ASP A 695 9.40 14.46 -32.54
N PHE A 696 9.55 14.30 -31.23
CA PHE A 696 10.25 15.28 -30.42
C PHE A 696 11.73 15.28 -30.78
N SER A 697 12.35 16.46 -30.76
CA SER A 697 13.77 16.51 -31.04
C SER A 697 14.56 16.11 -29.80
N ASP A 698 15.89 16.12 -29.91
CA ASP A 698 16.71 15.79 -28.75
C ASP A 698 16.79 16.93 -27.74
N LYS A 699 16.10 18.05 -27.99
CA LYS A 699 15.91 19.02 -26.92
CA LYS A 699 15.91 19.02 -26.92
C LYS A 699 15.01 18.47 -25.82
N PHE A 700 14.20 17.47 -26.12
CA PHE A 700 13.45 16.74 -25.11
C PHE A 700 14.40 15.71 -24.51
N LYS A 701 14.58 15.77 -23.19
CA LYS A 701 15.61 14.99 -22.51
C LYS A 701 15.04 13.84 -21.68
N HIS A 702 13.75 13.54 -21.78
CA HIS A 702 13.13 12.64 -20.82
C HIS A 702 12.51 11.41 -21.46
N ARG A 703 13.18 10.86 -22.47
CA ARG A 703 12.81 9.53 -22.94
C ARG A 703 13.16 8.49 -21.88
N PRO A 704 12.53 7.33 -21.92
CA PRO A 704 12.92 6.25 -21.01
C PRO A 704 14.39 5.90 -21.19
N LYS A 705 15.15 5.97 -20.10
CA LYS A 705 16.59 5.71 -20.17
C LYS A 705 16.89 4.24 -20.38
N VAL A 706 16.03 3.36 -19.89
CA VAL A 706 16.14 1.92 -20.06
C VAL A 706 14.78 1.43 -20.53
N HIS A 707 14.79 0.40 -21.37
CA HIS A 707 13.56 -0.25 -21.81
C HIS A 707 13.37 -1.49 -20.94
N ARG A 708 12.52 -1.37 -19.92
CA ARG A 708 12.18 -2.50 -19.07
C ARG A 708 11.01 -3.27 -19.67
N SER A 709 11.03 -4.59 -19.50
CA SER A 709 10.00 -5.41 -20.13
C SER A 709 9.78 -6.74 -19.43
N THR A 710 9.57 -6.70 -18.11
CA THR A 710 9.20 -7.90 -17.37
C THR A 710 7.94 -8.52 -17.96
N PHE A 711 7.90 -9.84 -17.99
CA PHE A 711 6.74 -10.56 -18.53
C PHE A 711 6.47 -11.76 -17.64
N ILE A 712 5.35 -11.73 -16.93
CA ILE A 712 4.90 -12.92 -16.21
C ILE A 712 4.29 -13.87 -17.24
N LEU A 713 4.87 -15.05 -17.39
CA LEU A 713 4.49 -15.94 -18.49
C LEU A 713 3.11 -16.54 -18.25
N PRO A 714 2.13 -16.30 -19.13
CA PRO A 714 0.79 -16.88 -18.92
C PRO A 714 0.71 -18.28 -19.48
N LEU A 715 0.13 -19.20 -18.72
CA LEU A 715 0.14 -20.62 -19.10
C LEU A 715 -1.20 -21.28 -18.80
N LYS A 716 -2.29 -20.58 -19.06
CA LYS A 716 -3.61 -21.19 -18.88
C LYS A 716 -4.11 -21.85 -20.15
N GLU A 717 -3.95 -21.18 -21.30
CA GLU A 717 -4.40 -21.69 -22.58
C GLU A 717 -3.32 -21.46 -23.64
N LEU A 718 -3.14 -22.44 -24.51
CA LEU A 718 -2.19 -22.37 -25.60
C LEU A 718 -2.92 -22.20 -26.92
N GLY A 719 -2.49 -21.24 -27.72
CA GLY A 719 -3.06 -21.02 -29.04
C GLY A 719 -4.51 -20.57 -29.07
N SER A 720 -4.89 -19.65 -28.16
CA SER A 720 -6.26 -19.16 -28.10
C SER A 720 -6.75 -18.69 -29.47
N SER A 721 -5.94 -17.90 -30.17
CA SER A 721 -6.29 -17.39 -31.49
C SER A 721 -5.10 -17.48 -32.43
N PHE A 722 -4.26 -18.50 -32.26
CA PHE A 722 -3.09 -18.69 -33.10
C PHE A 722 -3.50 -19.42 -34.38
N GLN A 723 -3.29 -18.79 -35.53
CA GLN A 723 -3.60 -19.40 -36.82
C GLN A 723 -2.34 -20.10 -37.30
N GLY A 724 -2.10 -21.28 -36.76
CA GLY A 724 -0.89 -22.01 -37.07
C GLY A 724 -0.85 -23.32 -36.29
N LYS A 725 0.33 -23.94 -36.30
CA LYS A 725 0.57 -25.20 -35.62
C LYS A 725 1.62 -25.01 -34.54
N VAL A 726 1.46 -25.72 -33.43
CA VAL A 726 2.47 -25.80 -32.38
C VAL A 726 2.85 -27.27 -32.23
N PHE A 727 4.07 -27.61 -32.63
CA PHE A 727 4.54 -29.00 -32.54
C PHE A 727 5.11 -29.33 -31.17
N HIS A 728 5.76 -28.38 -30.52
CA HIS A 728 6.45 -28.63 -29.27
C HIS A 728 6.44 -27.38 -28.41
N MSE A 729 6.26 -27.57 -27.11
CA MSE A 729 6.37 -26.47 -26.16
C MSE A 729 7.06 -26.95 -24.89
O MSE A 729 6.74 -28.02 -24.38
CB MSE A 729 5.00 -25.89 -25.83
CG MSE A 729 5.06 -24.58 -25.05
SE MSE A 729 3.36 -24.08 -24.21
CE MSE A 729 3.44 -25.30 -22.68
N ASN A 730 8.02 -26.16 -24.41
CA ASN A 730 8.73 -26.47 -23.17
C ASN A 730 8.89 -25.19 -22.36
N VAL A 731 8.56 -25.27 -21.06
CA VAL A 731 8.72 -24.14 -20.13
C VAL A 731 9.69 -24.58 -19.05
N GLN A 732 10.79 -23.85 -18.92
CA GLN A 732 11.84 -24.20 -17.96
C GLN A 732 12.07 -23.05 -16.98
N PRO A 733 11.67 -23.20 -15.72
CA PRO A 733 12.10 -22.21 -14.71
C PRO A 733 13.60 -22.29 -14.53
N LEU A 734 14.23 -21.12 -14.47
CA LEU A 734 15.69 -21.04 -14.32
C LEU A 734 16.06 -20.57 -12.92
MG MG B . -0.84 7.96 20.17
MG MG C . 0.78 -10.94 -10.44
C1 NAG D . 4.53 15.61 -5.10
C2 NAG D . 3.04 15.36 -5.54
C3 NAG D . 2.85 14.01 -6.21
C4 NAG D . 4.13 13.58 -6.90
C5 NAG D . 5.08 13.21 -5.78
C6 NAG D . 6.46 12.78 -6.23
C7 NAG D . 2.13 14.90 -3.28
C8 NAG D . 1.01 15.22 -2.32
N2 NAG D . 2.09 15.55 -4.45
O1 NAG D . 5.20 16.39 -6.04
O3 NAG D . 1.76 14.12 -7.11
O4 NAG D . 3.91 12.45 -7.74
O5 NAG D . 5.23 14.31 -4.87
O6 NAG D . 7.08 13.69 -7.13
O7 NAG D . 3.01 14.11 -2.99
CL CL E . 3.21 -7.50 -12.61
CL CL F . 20.07 8.12 -4.01
CL CL G . 11.48 5.67 34.75
#